data_7P45
#
_entry.id   7P45
#
_cell.length_a   79.580
_cell.length_b   89.230
_cell.length_c   112.060
_cell.angle_alpha   90.000
_cell.angle_beta   90.000
_cell.angle_gamma   90.000
#
_symmetry.space_group_name_H-M   'P 21 21 21'
#
loop_
_entity.id
_entity.type
_entity.pdbx_description
1 polymer '1,4-alpha-glucan-branching enzyme'
2 non-polymer 1,2-ETHANEDIOL
3 water water
#
_entity_poly.entity_id   1
_entity_poly.type   'polypeptide(L)'
_entity_poly.pdbx_seq_one_letter_code
;MSLTKIPENVQGAVSIDPWLEPFADVLSERRYLADKWLYDIKHATPDGSEQSLVDFARNAYKTYGLHANQQTKEIVYREW
APNAQRAFLVGEFNNWNEESHEMKHKDEFGVFSITLAPLENGDFAIPHDSKIKVMFVLPDGSKVYRIPAWITRATQPSKE
TAQKYGPTYEGRFWNPPNSYQFKHQRPKFNLANDSIKIYEAHIGISSPEPKVASYKEFTQNVLPRIKHLGYDAIQLMAIM
EHAYYASFGYQVTNFFAISSRYGTPEDLKELIDTAHSMGILVLLDVIHSHASKNSEDGLNMFDGSDHQYFHSLTSGRGEH
PLWDSRLFNYGSFEVQRFLLANLAYYIDVYQFDGFRFDGVTSMLYLHHGVGAGGAFSGDYNEYLSRDRSGVDHEALAYLM
LANDLVHDLLPESAVTIAEDVSGYPTLCLPRTAGGGGFDYRLAMALPDMWIKLLKTKQDDDWDMGHIVHTLTNRRHGEKV
VAYCESHDQALVGDKTLAFWLMDAAMYTDMTVLKEPTLVIDRGIALHKMIRLITHSLGGEAYLNFEGNEFGHPEWLDFPR
VGNNDSYHYARRQFNLVDDDLLRYRHLNEFDAAMQNCESKHQWLNTPQAYVSLKHEVDKVIAFERNGHLFVFNFHPTQSF
TDYRIGVDVAGTYKIVLNTDRAEFGGHNRIDEAQEFFTTDLEWNNRRNFIQVYIPSRTAIVLTRQM
;
_entity_poly.pdbx_strand_id   A
#
# COMPACT_ATOMS: atom_id res chain seq x y z
N ARG A 30 7.99 -24.36 15.88
CA ARG A 30 9.39 -24.15 16.28
C ARG A 30 9.47 -23.45 17.64
N ARG A 31 8.71 -22.36 17.79
CA ARG A 31 8.54 -21.68 19.07
C ARG A 31 7.05 -21.46 19.33
N TYR A 32 6.69 -21.40 20.61
CA TYR A 32 5.29 -21.30 21.03
C TYR A 32 5.01 -19.99 21.73
N LEU A 33 5.70 -18.91 21.33
CA LEU A 33 5.47 -17.62 21.94
C LEU A 33 4.06 -17.11 21.65
N ALA A 34 3.53 -17.41 20.46
CA ALA A 34 2.21 -16.90 20.10
C ALA A 34 1.15 -17.41 21.06
N ASP A 35 1.25 -18.67 21.50
CA ASP A 35 0.20 -19.25 22.33
C ASP A 35 0.32 -18.83 23.80
N LYS A 36 1.55 -18.72 24.29
CA LYS A 36 1.75 -18.21 25.64
C LYS A 36 1.22 -16.79 25.77
N TRP A 37 1.53 -15.95 24.78
CA TRP A 37 1.10 -14.56 24.85
C TRP A 37 -0.42 -14.46 24.82
N LEU A 38 -1.12 -15.42 24.18
CA LEU A 38 -2.58 -15.36 24.12
C LEU A 38 -3.26 -15.78 25.43
N TYR A 39 -2.68 -16.69 26.21
CA TYR A 39 -3.32 -17.01 27.48
C TYR A 39 -3.32 -15.82 28.43
N ASP A 40 -2.19 -15.10 28.49
CA ASP A 40 -2.08 -13.94 29.36
C ASP A 40 -3.08 -12.87 28.97
N ILE A 41 -3.32 -12.71 27.67
CA ILE A 41 -4.32 -11.76 27.18
C ILE A 41 -5.71 -12.10 27.74
N LYS A 42 -6.08 -13.38 27.74
CA LYS A 42 -7.47 -13.76 28.02
C LYS A 42 -7.82 -13.83 29.51
N HIS A 43 -6.85 -13.91 30.42
CA HIS A 43 -7.15 -13.89 31.84
C HIS A 43 -6.70 -12.60 32.53
N ALA A 44 -6.50 -11.54 31.76
CA ALA A 44 -6.07 -10.25 32.31
C ALA A 44 -7.28 -9.41 32.73
N THR A 45 -8.00 -9.92 33.72
CA THR A 45 -9.24 -9.32 34.20
C THR A 45 -9.16 -9.08 35.71
N PRO A 46 -10.01 -8.21 36.26
CA PRO A 46 -9.91 -7.89 37.70
C PRO A 46 -10.20 -9.07 38.60
N ASP A 47 -11.12 -9.96 38.22
CA ASP A 47 -11.51 -11.09 39.07
C ASP A 47 -10.88 -12.40 38.65
N GLY A 48 -10.06 -12.40 37.58
CA GLY A 48 -9.49 -13.63 37.06
C GLY A 48 -10.35 -14.35 36.06
N SER A 49 -11.60 -13.92 35.84
CA SER A 49 -12.47 -14.52 34.85
C SER A 49 -11.91 -14.32 33.44
N GLU A 50 -12.38 -15.16 32.51
CA GLU A 50 -11.83 -15.20 31.16
C GLU A 50 -12.54 -14.20 30.24
N GLN A 51 -11.76 -13.57 29.35
CA GLN A 51 -12.24 -12.65 28.31
C GLN A 51 -11.64 -13.04 26.95
N SER A 52 -12.12 -12.39 25.88
CA SER A 52 -11.66 -12.67 24.53
C SER A 52 -10.58 -11.69 24.07
N LEU A 53 -9.88 -12.06 22.97
CA LEU A 53 -8.81 -11.22 22.41
C LEU A 53 -9.34 -9.91 21.84
N VAL A 54 -10.52 -9.95 21.20
CA VAL A 54 -11.16 -8.72 20.75
C VAL A 54 -11.47 -7.81 21.94
N ASP A 55 -12.02 -8.39 23.03
CA ASP A 55 -12.35 -7.61 24.22
C ASP A 55 -11.09 -6.97 24.82
N PHE A 56 -9.95 -7.65 24.74
CA PHE A 56 -8.68 -7.08 25.21
C PHE A 56 -8.29 -5.81 24.44
N ALA A 57 -8.31 -5.88 23.10
CA ALA A 57 -7.80 -4.76 22.30
C ALA A 57 -8.78 -3.61 22.23
N ARG A 58 -10.09 -3.90 22.30
CA ARG A 58 -11.11 -2.85 22.36
C ARG A 58 -11.06 -2.13 23.71
N ASN A 59 -11.02 -2.89 24.82
CA ASN A 59 -10.95 -2.23 26.12
C ASN A 59 -9.69 -1.39 26.25
N ALA A 60 -8.63 -1.70 25.47
CA ALA A 60 -7.37 -0.95 25.56
C ALA A 60 -7.46 0.41 24.88
N TYR A 61 -7.91 0.48 23.63
CA TYR A 61 -8.05 1.79 23.00
C TYR A 61 -9.19 2.60 23.63
N LYS A 62 -10.11 1.96 24.36
CA LYS A 62 -11.13 2.66 25.13
C LYS A 62 -10.64 3.15 26.49
N THR A 63 -9.49 2.67 26.96
CA THR A 63 -8.99 2.95 28.29
C THR A 63 -7.72 3.77 28.29
N TYR A 64 -6.89 3.65 27.26
CA TYR A 64 -5.63 4.36 27.14
C TYR A 64 -5.81 5.64 26.31
N GLY A 65 -4.75 6.45 26.19
CA GLY A 65 -4.92 7.77 25.59
C GLY A 65 -5.75 8.71 26.46
N LEU A 66 -6.41 9.67 25.82
CA LEU A 66 -7.30 10.63 26.48
C LEU A 66 -8.74 10.40 26.02
N HIS A 67 -9.69 10.43 26.97
CA HIS A 67 -11.11 10.22 26.64
C HIS A 67 -12.04 11.17 27.40
N ALA A 68 -12.90 11.87 26.67
CA ALA A 68 -13.89 12.77 27.26
C ALA A 68 -15.22 12.05 27.53
N ASN A 69 -15.81 12.33 28.71
CA ASN A 69 -17.11 11.79 29.12
C ASN A 69 -18.20 12.81 28.82
N GLN A 70 -19.13 12.47 27.94
CA GLN A 70 -20.09 13.45 27.45
C GLN A 70 -21.25 13.72 28.42
N GLN A 71 -21.44 12.91 29.46
CA GLN A 71 -22.54 13.11 30.40
C GLN A 71 -22.12 13.90 31.65
N THR A 72 -20.92 13.66 32.19
CA THR A 72 -20.44 14.40 33.34
C THR A 72 -19.39 15.46 33.00
N LYS A 73 -18.88 15.50 31.77
CA LYS A 73 -17.84 16.44 31.33
C LYS A 73 -16.48 16.23 32.00
N GLU A 74 -16.26 15.09 32.64
CA GLU A 74 -14.92 14.72 33.10
C GLU A 74 -14.08 14.28 31.90
N ILE A 75 -12.76 14.23 32.10
CA ILE A 75 -11.79 13.74 31.12
C ILE A 75 -10.81 12.83 31.83
N VAL A 76 -10.49 11.66 31.25
CA VAL A 76 -9.52 10.76 31.84
C VAL A 76 -8.36 10.56 30.86
N TYR A 77 -7.12 10.55 31.39
CA TYR A 77 -5.87 10.33 30.66
C TYR A 77 -5.02 9.31 31.41
N ARG A 78 -4.40 8.37 30.67
CA ARG A 78 -3.50 7.35 31.19
C ARG A 78 -2.29 7.27 30.28
N GLU A 79 -1.12 6.91 30.83
CA GLU A 79 0.09 6.86 30.01
C GLU A 79 1.15 5.99 30.67
N TRP A 80 1.66 5.02 29.90
CA TRP A 80 2.71 4.08 30.34
C TRP A 80 4.09 4.74 30.21
N ALA A 81 4.81 4.84 31.32
CA ALA A 81 6.12 5.47 31.25
C ALA A 81 6.94 5.00 32.43
N PRO A 82 7.44 3.76 32.41
CA PRO A 82 8.08 3.20 33.61
C PRO A 82 9.34 3.92 34.07
N ASN A 83 10.12 4.55 33.18
CA ASN A 83 11.37 5.18 33.60
C ASN A 83 11.12 6.51 34.31
N ALA A 84 9.93 7.09 34.16
CA ALA A 84 9.63 8.38 34.75
C ALA A 84 9.10 8.24 36.17
N GLN A 85 9.44 9.22 37.02
CA GLN A 85 9.06 9.26 38.41
C GLN A 85 7.79 10.07 38.66
N ARG A 86 7.59 11.15 37.90
CA ARG A 86 6.41 11.99 38.03
C ARG A 86 6.02 12.46 36.64
N ALA A 87 4.71 12.67 36.46
CA ALA A 87 4.15 13.04 35.17
C ALA A 87 3.17 14.18 35.35
N PHE A 88 3.25 15.16 34.45
CA PHE A 88 2.43 16.36 34.45
C PHE A 88 1.92 16.62 33.04
N LEU A 89 0.61 16.87 32.92
CA LEU A 89 0.01 17.27 31.65
C LEU A 89 0.11 18.79 31.47
N VAL A 90 0.65 19.24 30.30
CA VAL A 90 0.86 20.68 30.03
C VAL A 90 0.39 21.04 28.62
N GLY A 91 0.00 22.30 28.44
CA GLY A 91 -0.42 22.76 27.14
C GLY A 91 -1.05 24.14 27.23
N GLU A 92 -1.65 24.57 26.12
CA GLU A 92 -2.32 25.87 26.14
C GLU A 92 -3.45 25.91 27.16
N PHE A 93 -4.04 24.77 27.54
CA PHE A 93 -5.18 24.77 28.46
C PHE A 93 -4.83 25.18 29.88
N ASN A 94 -3.57 25.02 30.29
CA ASN A 94 -3.14 25.53 31.59
C ASN A 94 -1.89 26.38 31.47
N ASN A 95 -1.72 27.03 30.30
CA ASN A 95 -0.57 27.90 30.00
C ASN A 95 0.76 27.22 30.29
N TRP A 96 0.87 25.94 29.92
CA TRP A 96 2.11 25.17 30.06
C TRP A 96 2.61 25.18 31.51
N ASN A 97 1.68 25.16 32.48
CA ASN A 97 2.01 25.10 33.92
C ASN A 97 2.48 23.70 34.31
N GLU A 98 3.64 23.62 34.96
CA GLU A 98 4.25 22.34 35.30
C GLU A 98 3.96 21.86 36.71
N GLU A 99 2.91 22.39 37.37
CA GLU A 99 2.59 21.95 38.73
C GLU A 99 1.12 21.64 38.98
N SER A 100 0.17 22.12 38.18
CA SER A 100 -1.23 22.11 38.60
C SER A 100 -1.94 20.79 38.29
N HIS A 101 -1.50 20.04 37.28
CA HIS A 101 -2.22 18.84 36.85
C HIS A 101 -1.27 17.65 36.89
N GLU A 102 -0.96 17.21 38.10
CA GLU A 102 -0.12 16.03 38.30
C GLU A 102 -0.98 14.77 38.28
N MET A 103 -0.49 13.74 37.61
CA MET A 103 -1.27 12.52 37.55
C MET A 103 -1.07 11.68 38.82
N LYS A 104 -2.05 10.83 39.11
CA LYS A 104 -1.99 9.93 40.26
C LYS A 104 -0.81 8.97 40.12
N HIS A 105 -0.37 8.43 41.26
CA HIS A 105 0.79 7.54 41.29
C HIS A 105 0.58 6.37 40.34
N LYS A 106 1.68 5.90 39.75
CA LYS A 106 1.67 4.70 38.93
C LYS A 106 1.02 3.55 39.70
N ASP A 107 0.23 2.73 39.00
CA ASP A 107 -0.24 1.48 39.59
C ASP A 107 0.87 0.44 39.43
N GLU A 108 0.59 -0.81 39.81
CA GLU A 108 1.65 -1.82 39.75
C GLU A 108 2.10 -2.16 38.32
N PHE A 109 1.43 -1.62 37.29
CA PHE A 109 1.81 -1.87 35.90
C PHE A 109 2.56 -0.70 35.24
N GLY A 110 2.93 0.33 35.99
CA GLY A 110 3.72 1.42 35.43
C GLY A 110 2.94 2.50 34.71
N VAL A 111 1.63 2.58 34.94
CA VAL A 111 0.71 3.48 34.24
C VAL A 111 0.27 4.59 35.20
N PHE A 112 0.53 5.85 34.83
CA PHE A 112 -0.03 7.03 35.48
C PHE A 112 -1.49 7.22 35.07
N SER A 113 -2.29 7.87 35.93
CA SER A 113 -3.68 8.14 35.56
C SER A 113 -4.17 9.43 36.21
N ILE A 114 -5.12 10.09 35.56
CA ILE A 114 -5.70 11.34 36.07
C ILE A 114 -7.15 11.46 35.59
N THR A 115 -8.01 11.97 36.48
CA THR A 115 -9.39 12.37 36.19
C THR A 115 -9.47 13.89 36.29
N LEU A 116 -9.84 14.56 35.21
CA LEU A 116 -10.00 16.01 35.21
C LEU A 116 -11.48 16.34 35.43
N ALA A 117 -11.80 16.97 36.55
CA ALA A 117 -13.14 17.41 36.81
C ALA A 117 -13.55 18.46 35.77
N PRO A 118 -14.85 18.60 35.49
CA PRO A 118 -15.31 19.72 34.65
C PRO A 118 -15.00 21.04 35.33
N LEU A 119 -14.81 22.08 34.52
CA LEU A 119 -14.51 23.40 35.09
C LEU A 119 -15.71 23.90 35.90
N GLU A 120 -15.48 24.95 36.67
CA GLU A 120 -16.56 25.46 37.52
C GLU A 120 -17.74 25.94 36.69
N ASN A 121 -17.52 26.31 35.42
CA ASN A 121 -18.63 26.65 34.53
C ASN A 121 -19.25 25.42 33.87
N GLY A 122 -18.73 24.23 34.11
CA GLY A 122 -19.28 23.03 33.55
C GLY A 122 -18.70 22.57 32.21
N ASP A 123 -17.63 23.22 31.72
CA ASP A 123 -17.02 22.89 30.43
C ASP A 123 -15.91 21.86 30.59
N PHE A 124 -15.57 21.18 29.49
CA PHE A 124 -14.36 20.37 29.44
C PHE A 124 -13.15 21.22 29.78
N ALA A 125 -12.18 20.64 30.49
CA ALA A 125 -11.03 21.44 30.90
C ALA A 125 -9.99 21.67 29.78
N ILE A 126 -10.02 20.91 28.68
CA ILE A 126 -9.06 21.06 27.59
C ILE A 126 -9.79 21.47 26.32
N PRO A 127 -9.47 22.62 25.71
CA PRO A 127 -10.16 23.04 24.47
C PRO A 127 -9.80 22.19 23.25
N HIS A 128 -10.67 22.26 22.24
CA HIS A 128 -10.58 21.41 21.05
C HIS A 128 -9.49 21.88 20.09
N ASP A 129 -8.62 20.96 19.67
CA ASP A 129 -7.47 21.18 18.76
C ASP A 129 -6.42 22.14 19.33
N SER A 130 -6.30 22.28 20.66
CA SER A 130 -5.22 23.07 21.23
C SER A 130 -3.98 22.19 21.38
N LYS A 131 -2.84 22.81 21.67
CA LYS A 131 -1.56 22.09 21.69
C LYS A 131 -1.30 21.53 23.08
N ILE A 132 -0.80 20.29 23.15
CA ILE A 132 -0.51 19.67 24.44
C ILE A 132 0.76 18.83 24.34
N LYS A 133 1.33 18.58 25.52
CA LYS A 133 2.53 17.78 25.69
C LYS A 133 2.44 17.12 27.06
N VAL A 134 3.17 16.02 27.25
CA VAL A 134 3.36 15.44 28.58
C VAL A 134 4.81 15.69 28.96
N MET A 135 5.04 16.11 30.21
CA MET A 135 6.37 16.32 30.74
C MET A 135 6.71 15.28 31.79
N PHE A 136 7.88 14.68 31.66
CA PHE A 136 8.35 13.69 32.61
C PHE A 136 9.53 14.25 33.39
N VAL A 137 9.61 13.88 34.66
CA VAL A 137 10.79 14.12 35.48
C VAL A 137 11.57 12.82 35.50
N LEU A 138 12.82 12.86 35.06
CA LEU A 138 13.62 11.65 34.91
C LEU A 138 14.38 11.35 36.20
N PRO A 139 14.92 10.14 36.34
CA PRO A 139 15.68 9.81 37.56
C PRO A 139 16.78 10.81 37.91
N ASP A 140 17.51 11.34 36.92
CA ASP A 140 18.51 12.35 37.18
C ASP A 140 17.91 13.74 37.43
N GLY A 141 16.60 13.85 37.54
CA GLY A 141 15.98 15.14 37.81
C GLY A 141 15.79 16.04 36.61
N SER A 142 16.34 15.70 35.44
CA SER A 142 16.14 16.55 34.28
C SER A 142 14.75 16.33 33.68
N LYS A 143 14.42 17.12 32.66
CA LYS A 143 13.06 17.18 32.13
C LYS A 143 13.07 17.03 30.61
N VAL A 144 12.19 16.15 30.09
CA VAL A 144 11.98 16.01 28.65
C VAL A 144 10.51 16.20 28.31
N TYR A 145 10.26 16.62 27.08
CA TYR A 145 8.95 17.03 26.59
C TYR A 145 8.57 16.21 25.36
N ARG A 146 7.39 15.59 25.38
CA ARG A 146 6.97 14.62 24.37
C ARG A 146 5.54 14.85 23.89
N ILE A 147 5.29 14.48 22.65
CA ILE A 147 3.91 14.30 22.19
C ILE A 147 3.37 12.98 22.75
N PRO A 148 2.22 12.96 23.44
CA PRO A 148 1.70 11.70 23.98
C PRO A 148 1.66 10.60 22.93
N ALA A 149 1.91 9.35 23.37
CA ALA A 149 2.18 8.28 22.41
C ALA A 149 0.95 7.86 21.65
N TRP A 150 -0.25 7.99 22.25
CA TRP A 150 -1.52 7.63 21.60
C TRP A 150 -2.30 8.86 21.08
N ILE A 151 -1.62 9.99 20.81
CA ILE A 151 -2.32 11.20 20.32
C ILE A 151 -2.89 10.92 18.93
N THR A 152 -3.97 11.65 18.57
CA THR A 152 -4.66 11.40 17.31
C THR A 152 -4.44 12.45 16.23
N ARG A 153 -3.56 13.44 16.45
CA ARG A 153 -3.26 14.50 15.47
C ARG A 153 -1.93 15.18 15.82
N ALA A 154 -1.14 15.60 14.79
CA ALA A 154 0.11 16.35 14.96
C ALA A 154 0.52 17.12 13.69
N THR A 155 1.07 18.35 13.85
CA THR A 155 1.19 19.33 12.76
C THR A 155 2.56 19.99 12.64
N GLN A 156 2.95 20.27 11.37
CA GLN A 156 4.23 20.90 11.02
C GLN A 156 4.27 22.34 11.52
N PRO A 157 5.45 22.84 11.93
CA PRO A 157 5.52 24.19 12.53
C PRO A 157 5.55 25.32 11.51
N SER A 158 5.13 26.50 11.98
CA SER A 158 5.18 27.71 11.18
C SER A 158 6.63 28.17 10.96
N LYS A 159 6.83 29.00 9.93
CA LYS A 159 8.16 29.49 9.60
C LYS A 159 8.80 30.26 10.76
N GLU A 160 7.99 30.93 11.59
CA GLU A 160 8.51 31.63 12.76
C GLU A 160 8.98 30.64 13.82
N THR A 161 8.11 29.69 14.18
CA THR A 161 8.49 28.65 15.13
C THR A 161 9.73 27.89 14.68
N ALA A 162 9.86 27.66 13.36
CA ALA A 162 10.93 26.81 12.84
C ALA A 162 12.29 27.50 12.90
N GLN A 163 12.36 28.79 12.56
CA GLN A 163 13.61 29.54 12.75
C GLN A 163 14.10 29.44 14.18
N LYS A 164 13.17 29.50 15.14
CA LYS A 164 13.52 29.37 16.55
C LYS A 164 13.81 27.92 16.94
N TYR A 165 12.78 27.08 16.93
CA TYR A 165 12.85 25.74 17.54
C TYR A 165 13.16 24.62 16.55
N GLY A 166 13.33 24.93 15.28
CA GLY A 166 13.62 23.92 14.30
C GLY A 166 12.37 23.30 13.72
N PRO A 167 12.53 22.19 13.01
CA PRO A 167 11.43 21.58 12.26
C PRO A 167 10.51 20.61 13.03
N THR A 168 10.57 20.58 14.36
CA THR A 168 9.77 19.66 15.16
C THR A 168 8.27 19.93 15.04
N TYR A 169 7.49 18.84 14.92
CA TYR A 169 6.03 18.87 14.85
C TYR A 169 5.41 19.13 16.23
N GLU A 170 4.08 19.39 16.25
CA GLU A 170 3.33 19.76 17.46
C GLU A 170 2.03 18.95 17.57
N GLY A 171 1.69 18.48 18.78
CA GLY A 171 0.52 17.62 18.98
C GLY A 171 -0.75 18.32 19.45
N ARG A 172 -1.92 17.81 19.02
CA ARG A 172 -3.22 18.46 19.20
C ARG A 172 -4.27 17.55 19.86
N PHE A 173 -5.14 18.14 20.70
CA PHE A 173 -6.23 17.43 21.41
C PHE A 173 -7.52 17.52 20.58
N TRP A 174 -7.88 16.42 19.92
CA TRP A 174 -9.02 16.39 19.00
C TRP A 174 -10.28 15.95 19.75
N ASN A 175 -11.24 16.86 19.93
CA ASN A 175 -12.49 16.56 20.66
C ASN A 175 -13.63 17.40 20.03
N PRO A 176 -13.99 17.08 18.79
CA PRO A 176 -14.87 18.01 18.04
C PRO A 176 -16.29 18.02 18.58
N PRO A 177 -17.04 19.09 18.32
CA PRO A 177 -18.44 19.12 18.81
C PRO A 177 -19.31 18.09 18.14
N ASN A 178 -19.01 17.71 16.90
CA ASN A 178 -19.76 16.65 16.23
C ASN A 178 -18.80 15.76 15.46
N SER A 179 -18.68 14.50 15.88
CA SER A 179 -17.88 13.53 15.15
C SER A 179 -18.64 13.02 13.95
N TYR A 180 -17.90 12.72 12.88
CA TYR A 180 -18.51 12.17 11.67
C TYR A 180 -19.20 10.85 11.97
N GLN A 181 -20.42 10.68 11.44
CA GLN A 181 -21.21 9.46 11.61
C GLN A 181 -21.23 8.68 10.30
N PHE A 182 -20.65 7.48 10.30
CA PHE A 182 -20.64 6.67 9.09
C PHE A 182 -22.08 6.34 8.67
N LYS A 183 -22.35 6.46 7.37
CA LYS A 183 -23.69 6.20 6.83
C LYS A 183 -23.79 4.92 6.03
N HIS A 184 -22.68 4.38 5.55
CA HIS A 184 -22.66 3.26 4.65
C HIS A 184 -22.06 2.05 5.35
N GLN A 185 -22.57 0.87 5.01
CA GLN A 185 -21.95 -0.36 5.49
C GLN A 185 -20.69 -0.66 4.67
N ARG A 186 -19.78 -1.44 5.26
CA ARG A 186 -18.64 -1.95 4.52
C ARG A 186 -19.13 -2.70 3.27
N PRO A 187 -18.37 -2.66 2.17
CA PRO A 187 -18.80 -3.40 0.97
C PRO A 187 -18.80 -4.90 1.23
N LYS A 188 -19.72 -5.60 0.57
CA LYS A 188 -19.79 -7.06 0.64
C LYS A 188 -18.54 -7.66 0.01
N PHE A 189 -17.79 -8.45 0.79
CA PHE A 189 -16.51 -8.98 0.32
C PHE A 189 -16.19 -10.24 1.12
N ASN A 190 -15.85 -11.31 0.41
CA ASN A 190 -15.41 -12.56 1.02
C ASN A 190 -13.99 -12.82 0.52
N LEU A 191 -13.02 -12.79 1.44
CA LEU A 191 -11.62 -12.85 1.01
C LEU A 191 -11.33 -14.11 0.21
N ALA A 192 -11.90 -15.25 0.63
CA ALA A 192 -11.58 -16.52 -0.01
C ALA A 192 -12.04 -16.57 -1.46
N ASN A 193 -13.13 -15.88 -1.79
CA ASN A 193 -13.79 -16.08 -3.07
C ASN A 193 -13.55 -14.95 -4.11
N ASP A 194 -13.28 -13.71 -3.70
CA ASP A 194 -13.27 -12.54 -4.58
C ASP A 194 -11.85 -12.06 -4.95
N SER A 195 -11.72 -11.46 -6.15
CA SER A 195 -10.47 -10.86 -6.68
C SER A 195 -10.25 -9.43 -6.17
N ILE A 196 -8.98 -8.98 -6.21
CA ILE A 196 -8.68 -7.60 -5.79
C ILE A 196 -7.61 -6.97 -6.69
N LYS A 197 -7.98 -5.88 -7.37
CA LYS A 197 -7.08 -5.12 -8.24
C LYS A 197 -6.79 -3.76 -7.60
N ILE A 198 -5.50 -3.40 -7.49
CA ILE A 198 -5.05 -2.38 -6.53
C ILE A 198 -4.40 -1.19 -7.25
N TYR A 199 -4.86 0.01 -6.93
CA TYR A 199 -4.30 1.24 -7.47
C TYR A 199 -3.45 1.87 -6.36
N GLU A 200 -2.13 1.92 -6.58
CA GLU A 200 -1.18 2.44 -5.60
C GLU A 200 -1.05 3.95 -5.75
N ALA A 201 -1.37 4.70 -4.68
CA ALA A 201 -1.52 6.14 -4.80
C ALA A 201 -0.87 6.89 -3.64
N HIS A 202 -0.61 8.17 -3.89
CA HIS A 202 0.01 9.11 -2.93
C HIS A 202 -0.77 10.41 -2.98
N ILE A 203 -1.31 10.86 -1.85
CA ILE A 203 -2.25 11.98 -1.86
C ILE A 203 -1.57 13.25 -2.39
N GLY A 204 -0.33 13.53 -1.96
CA GLY A 204 0.25 14.85 -2.21
C GLY A 204 0.68 15.16 -3.63
N ILE A 205 1.10 14.16 -4.40
CA ILE A 205 1.55 14.39 -5.77
C ILE A 205 0.43 14.26 -6.79
N SER A 206 -0.83 14.09 -6.35
CA SER A 206 -1.91 13.74 -7.27
C SER A 206 -2.51 14.92 -8.06
N SER A 207 -1.71 15.90 -8.46
CA SER A 207 -2.17 17.00 -9.30
C SER A 207 -1.07 17.41 -10.28
N PRO A 208 -1.45 18.08 -11.38
CA PRO A 208 -0.42 18.61 -12.32
C PRO A 208 0.34 19.82 -11.80
N GLU A 209 -0.04 20.38 -10.62
CA GLU A 209 0.60 21.57 -10.07
C GLU A 209 1.75 21.21 -9.14
N PRO A 210 2.77 22.07 -9.11
CA PRO A 210 3.89 21.84 -8.17
C PRO A 210 3.52 22.25 -6.75
N LYS A 211 2.92 21.34 -5.96
CA LYS A 211 2.37 21.63 -4.63
C LYS A 211 2.00 20.30 -3.95
N VAL A 212 1.48 20.38 -2.71
CA VAL A 212 0.93 19.24 -1.95
C VAL A 212 -0.61 19.28 -2.02
N ALA A 213 -1.22 18.25 -2.64
CA ALA A 213 -2.68 18.12 -2.75
C ALA A 213 -3.30 17.45 -1.50
N SER A 214 -4.62 17.64 -1.32
CA SER A 214 -5.35 17.35 -0.06
C SER A 214 -6.24 16.10 -0.14
N TYR A 215 -6.75 15.67 1.03
CA TYR A 215 -7.70 14.54 1.08
C TYR A 215 -8.95 14.84 0.29
N LYS A 216 -9.53 16.03 0.50
CA LYS A 216 -10.76 16.42 -0.16
C LYS A 216 -10.60 16.49 -1.67
N GLU A 217 -9.43 16.96 -2.15
CA GLU A 217 -9.16 16.99 -3.59
C GLU A 217 -9.12 15.57 -4.16
N PHE A 218 -8.49 14.65 -3.42
CA PHE A 218 -8.52 13.25 -3.80
C PHE A 218 -9.94 12.73 -3.86
N THR A 219 -10.74 12.98 -2.80
CA THR A 219 -12.13 12.51 -2.77
C THR A 219 -12.92 13.03 -3.97
N GLN A 220 -12.72 14.30 -4.35
CA GLN A 220 -13.51 14.87 -5.44
C GLN A 220 -12.89 14.67 -6.84
N ASN A 221 -11.55 14.70 -6.98
CA ASN A 221 -10.93 14.70 -8.32
C ASN A 221 -10.28 13.39 -8.74
N VAL A 222 -9.84 12.55 -7.82
CA VAL A 222 -9.14 11.33 -8.20
C VAL A 222 -9.96 10.07 -7.96
N LEU A 223 -10.79 10.02 -6.92
CA LEU A 223 -11.69 8.87 -6.78
C LEU A 223 -12.49 8.62 -8.05
N PRO A 224 -13.00 9.62 -8.78
CA PRO A 224 -13.65 9.31 -10.06
C PRO A 224 -12.72 8.74 -11.13
N ARG A 225 -11.44 9.14 -11.20
CA ARG A 225 -10.57 8.56 -12.22
C ARG A 225 -10.31 7.08 -11.92
N ILE A 226 -10.17 6.74 -10.63
CA ILE A 226 -9.93 5.36 -10.21
C ILE A 226 -11.19 4.51 -10.42
N LYS A 227 -12.36 5.09 -10.19
CA LYS A 227 -13.58 4.35 -10.49
C LYS A 227 -13.71 4.11 -12.00
N HIS A 228 -13.32 5.09 -12.83
CA HIS A 228 -13.34 4.91 -14.28
C HIS A 228 -12.40 3.79 -14.71
N LEU A 229 -11.17 3.77 -14.17
CA LEU A 229 -10.22 2.69 -14.51
C LEU A 229 -10.67 1.30 -14.01
N GLY A 230 -11.49 1.24 -12.96
CA GLY A 230 -12.10 -0.02 -12.52
C GLY A 230 -11.40 -0.84 -11.43
N TYR A 231 -10.54 -0.26 -10.60
CA TYR A 231 -9.84 -1.01 -9.57
C TYR A 231 -10.77 -1.39 -8.40
N ASP A 232 -10.47 -2.51 -7.71
CA ASP A 232 -11.28 -2.94 -6.55
C ASP A 232 -10.89 -2.25 -5.23
N ALA A 233 -9.64 -1.78 -5.13
CA ALA A 233 -9.12 -1.32 -3.86
C ALA A 233 -8.10 -0.22 -4.13
N ILE A 234 -7.94 0.65 -3.15
CA ILE A 234 -6.94 1.71 -3.18
C ILE A 234 -5.96 1.42 -2.05
N GLN A 235 -4.67 1.36 -2.40
CA GLN A 235 -3.57 1.23 -1.46
C GLN A 235 -3.01 2.63 -1.21
N LEU A 236 -3.29 3.17 -0.02
CA LEU A 236 -2.86 4.52 0.34
C LEU A 236 -1.46 4.47 0.93
N MET A 237 -0.45 4.98 0.19
CA MET A 237 0.87 5.21 0.77
C MET A 237 0.89 6.49 1.62
N ALA A 238 1.85 6.53 2.56
CA ALA A 238 2.25 7.76 3.22
C ALA A 238 1.10 8.42 4.01
N ILE A 239 0.38 7.62 4.80
CA ILE A 239 -0.74 8.11 5.63
C ILE A 239 -0.35 8.26 7.11
N MET A 240 0.25 7.24 7.73
CA MET A 240 0.84 7.45 9.04
C MET A 240 1.79 8.63 8.98
N GLU A 241 1.76 9.48 10.01
CA GLU A 241 2.42 10.79 9.95
C GLU A 241 3.94 10.67 9.85
N HIS A 242 4.56 11.53 9.02
CA HIS A 242 6.00 11.58 8.76
C HIS A 242 6.46 12.97 8.35
N ALA A 243 7.59 13.43 8.91
CA ALA A 243 8.03 14.80 8.68
C ALA A 243 8.90 14.99 7.43
N TYR A 244 9.59 13.97 6.93
CA TYR A 244 10.49 14.11 5.79
C TYR A 244 9.79 13.63 4.51
N TYR A 245 9.35 14.59 3.68
CA TYR A 245 8.47 14.31 2.54
C TYR A 245 9.14 13.41 1.51
N ALA A 246 10.40 13.70 1.17
CA ALA A 246 11.07 12.92 0.13
C ALA A 246 11.36 11.48 0.55
N SER A 247 10.93 11.05 1.75
CA SER A 247 11.01 9.64 2.14
C SER A 247 9.81 8.83 1.66
N PHE A 248 8.89 9.46 0.92
CA PHE A 248 7.80 8.70 0.30
C PHE A 248 6.91 8.04 1.36
N GLY A 249 6.99 8.49 2.63
CA GLY A 249 6.15 7.99 3.72
C GLY A 249 6.78 6.96 4.65
N TYR A 250 8.02 6.52 4.38
CA TYR A 250 8.60 5.37 5.07
C TYR A 250 9.25 5.69 6.43
N GLN A 251 9.37 6.96 6.84
CA GLN A 251 9.97 7.34 8.14
C GLN A 251 8.91 7.95 9.07
N VAL A 252 8.25 7.09 9.94
CA VAL A 252 7.05 7.45 10.71
C VAL A 252 7.38 8.02 12.09
N THR A 253 6.64 9.06 12.48
CA THR A 253 6.81 9.76 13.75
C THR A 253 5.66 9.57 14.75
N ASN A 254 4.39 9.53 14.31
CA ASN A 254 3.24 9.44 15.23
C ASN A 254 2.25 8.38 14.76
N PHE A 255 2.13 7.26 15.51
CA PHE A 255 1.46 6.06 14.97
C PHE A 255 -0.07 6.10 15.06
N PHE A 256 -0.68 6.77 16.05
CA PHE A 256 -2.15 6.87 16.09
C PHE A 256 -2.68 8.14 15.41
N ALA A 257 -1.87 8.81 14.57
CA ALA A 257 -2.22 10.06 13.91
C ALA A 257 -2.16 9.94 12.38
N ILE A 258 -3.30 10.17 11.71
CA ILE A 258 -3.26 10.28 10.24
C ILE A 258 -2.64 11.62 9.84
N SER A 259 -1.96 11.65 8.68
CA SER A 259 -1.06 12.75 8.34
C SER A 259 -1.80 14.06 8.12
N SER A 260 -1.27 15.15 8.67
CA SER A 260 -1.99 16.41 8.65
C SER A 260 -1.67 17.28 7.44
N ARG A 261 -0.61 16.98 6.66
CA ARG A 261 -0.30 17.86 5.52
C ARG A 261 -1.38 17.82 4.44
N TYR A 262 -2.30 16.82 4.49
CA TYR A 262 -3.46 16.77 3.60
C TYR A 262 -4.82 17.08 4.23
N GLY A 263 -4.96 17.24 5.59
CA GLY A 263 -6.25 17.60 6.22
C GLY A 263 -6.46 16.90 7.57
N THR A 264 -7.74 16.76 8.00
CA THR A 264 -8.14 16.35 9.37
C THR A 264 -8.69 14.90 9.47
N PRO A 265 -8.84 14.37 10.71
CA PRO A 265 -9.37 13.00 10.84
C PRO A 265 -10.77 12.80 10.29
N GLU A 266 -11.64 13.81 10.36
CA GLU A 266 -12.98 13.68 9.81
C GLU A 266 -12.97 13.69 8.28
N ASP A 267 -12.07 14.47 7.66
CA ASP A 267 -11.90 14.47 6.20
C ASP A 267 -11.60 13.05 5.68
N LEU A 268 -10.73 12.32 6.39
CA LEU A 268 -10.37 10.97 5.95
C LEU A 268 -11.52 9.98 6.17
N LYS A 269 -12.25 10.09 7.30
CA LYS A 269 -13.41 9.19 7.50
C LYS A 269 -14.42 9.36 6.38
N GLU A 270 -14.62 10.60 5.93
CA GLU A 270 -15.52 10.84 4.81
C GLU A 270 -14.95 10.30 3.50
N LEU A 271 -13.62 10.40 3.31
CA LEU A 271 -13.00 9.80 2.11
C LEU A 271 -13.28 8.31 2.06
N ILE A 272 -13.19 7.62 3.21
CA ILE A 272 -13.36 6.18 3.27
C ILE A 272 -14.85 5.81 3.20
N ASP A 273 -15.70 6.55 3.92
CA ASP A 273 -17.15 6.38 3.77
C ASP A 273 -17.57 6.50 2.31
N THR A 274 -16.94 7.43 1.57
CA THR A 274 -17.26 7.66 0.16
C THR A 274 -16.79 6.51 -0.73
N ALA A 275 -15.53 6.11 -0.61
CA ALA A 275 -15.07 4.92 -1.32
C ALA A 275 -15.97 3.73 -1.03
N HIS A 276 -16.42 3.59 0.22
CA HIS A 276 -17.29 2.47 0.60
C HIS A 276 -18.64 2.53 -0.13
N SER A 277 -19.18 3.74 -0.32
CA SER A 277 -20.40 3.89 -1.09
C SER A 277 -20.16 3.53 -2.56
N MET A 278 -18.94 3.78 -3.04
CA MET A 278 -18.54 3.42 -4.40
C MET A 278 -18.27 1.93 -4.53
N GLY A 279 -18.31 1.17 -3.43
CA GLY A 279 -17.98 -0.25 -3.47
C GLY A 279 -16.49 -0.56 -3.43
N ILE A 280 -15.67 0.39 -2.99
CA ILE A 280 -14.21 0.28 -3.07
C ILE A 280 -13.66 0.07 -1.67
N LEU A 281 -12.84 -0.96 -1.49
CA LEU A 281 -12.16 -1.18 -0.22
C LEU A 281 -10.98 -0.22 -0.12
N VAL A 282 -10.62 0.14 1.11
CA VAL A 282 -9.48 1.02 1.36
C VAL A 282 -8.52 0.33 2.32
N LEU A 283 -7.26 0.22 1.89
CA LEU A 283 -6.21 -0.42 2.66
C LEU A 283 -5.17 0.62 3.08
N LEU A 284 -4.51 0.36 4.21
CA LEU A 284 -3.53 1.28 4.77
C LEU A 284 -2.13 0.68 4.66
N ASP A 285 -1.18 1.47 4.13
CA ASP A 285 0.26 1.17 4.28
C ASP A 285 0.64 1.29 5.75
N VAL A 286 0.94 0.16 6.39
CA VAL A 286 1.27 0.11 7.81
C VAL A 286 2.76 -0.12 7.93
N ILE A 287 3.46 0.81 8.58
CA ILE A 287 4.91 0.71 8.77
C ILE A 287 5.12 0.33 10.24
N HIS A 288 5.12 -0.98 10.53
CA HIS A 288 5.49 -1.47 11.85
C HIS A 288 6.88 -2.11 11.85
N SER A 289 7.70 -1.87 10.80
CA SER A 289 9.03 -2.47 10.68
C SER A 289 10.15 -1.61 11.28
N HIS A 290 9.92 -0.33 11.53
CA HIS A 290 10.94 0.57 12.03
C HIS A 290 10.24 1.90 12.29
N ALA A 291 10.97 2.82 12.92
CA ALA A 291 10.46 4.14 13.30
C ALA A 291 11.52 5.19 13.02
N SER A 292 11.06 6.43 12.85
CA SER A 292 11.97 7.56 12.66
C SER A 292 12.90 7.70 13.84
N LYS A 293 14.11 8.25 13.59
CA LYS A 293 15.05 8.56 14.66
C LYS A 293 14.69 9.84 15.43
N ASN A 294 13.67 10.59 15.02
CA ASN A 294 13.27 11.82 15.70
C ASN A 294 12.93 11.55 17.18
N SER A 295 13.25 12.53 18.05
CA SER A 295 13.09 12.30 19.49
C SER A 295 11.85 12.95 20.09
N GLU A 296 11.57 14.23 19.80
CA GLU A 296 10.46 14.87 20.52
C GLU A 296 9.12 14.63 19.84
N ASP A 297 9.08 14.76 18.51
CA ASP A 297 7.87 14.45 17.78
C ASP A 297 7.75 12.95 17.45
N GLY A 298 8.75 12.12 17.76
CA GLY A 298 8.68 10.68 17.58
C GLY A 298 8.83 9.87 18.85
N LEU A 299 9.01 8.55 18.74
CA LEU A 299 9.06 7.66 19.92
C LEU A 299 10.47 7.42 20.44
N ASN A 300 11.50 7.83 19.69
CA ASN A 300 12.88 7.61 20.12
C ASN A 300 13.15 8.37 21.43
N MET A 301 13.51 7.61 22.48
CA MET A 301 13.79 8.11 23.84
C MET A 301 12.56 8.75 24.50
N PHE A 302 11.39 8.12 24.35
CA PHE A 302 10.13 8.72 24.84
C PHE A 302 10.16 8.98 26.36
N ASP A 303 10.44 7.95 27.17
CA ASP A 303 10.45 8.11 28.63
C ASP A 303 11.85 8.39 29.18
N GLY A 304 12.79 8.77 28.31
CA GLY A 304 14.15 9.10 28.70
C GLY A 304 15.17 7.99 28.44
N SER A 305 14.70 6.75 28.31
CA SER A 305 15.56 5.57 28.30
C SER A 305 15.74 5.04 26.88
N ASP A 306 16.77 4.20 26.74
CA ASP A 306 17.11 3.53 25.50
C ASP A 306 16.33 2.22 25.29
N HIS A 307 15.36 1.87 26.16
CA HIS A 307 14.83 0.51 26.20
C HIS A 307 13.35 0.46 26.59
N GLN A 308 12.53 1.31 25.99
CA GLN A 308 11.09 1.23 26.26
C GLN A 308 10.37 0.57 25.08
N TYR A 309 10.15 1.32 24.01
CA TYR A 309 9.55 0.75 22.81
C TYR A 309 10.56 -0.01 21.95
N PHE A 310 11.85 0.34 22.01
CA PHE A 310 12.84 -0.18 21.05
C PHE A 310 13.93 -1.00 21.72
N HIS A 311 14.65 -1.77 20.90
CA HIS A 311 15.85 -2.46 21.37
C HIS A 311 17.00 -1.46 21.52
N SER A 312 17.80 -1.65 22.57
CA SER A 312 18.89 -0.72 22.80
C SER A 312 20.00 -0.92 21.77
N LEU A 313 20.79 0.13 21.56
CA LEU A 313 21.89 0.08 20.60
C LEU A 313 23.00 -0.88 21.05
N THR A 314 23.23 -0.99 22.36
CA THR A 314 24.20 -1.92 22.89
C THR A 314 23.74 -3.36 22.79
N SER A 315 22.46 -3.62 22.48
CA SER A 315 21.99 -4.99 22.32
C SER A 315 22.51 -5.63 21.05
N GLY A 316 23.05 -4.83 20.13
CA GLY A 316 23.58 -5.36 18.88
C GLY A 316 22.58 -6.14 18.06
N ARG A 317 21.32 -5.71 18.06
CA ARG A 317 20.28 -6.41 17.33
C ARG A 317 20.15 -5.91 15.89
N GLY A 318 21.08 -5.09 15.43
CA GLY A 318 21.17 -4.73 14.03
C GLY A 318 20.54 -3.38 13.73
N GLU A 319 20.51 -3.08 12.42
CA GLU A 319 20.01 -1.84 11.88
C GLU A 319 19.34 -2.11 10.54
N HIS A 320 18.45 -1.22 10.16
CA HIS A 320 17.79 -1.33 8.87
C HIS A 320 18.80 -0.99 7.77
N PRO A 321 18.89 -1.79 6.70
CA PRO A 321 19.93 -1.56 5.69
C PRO A 321 19.66 -0.42 4.70
N LEU A 322 18.43 0.09 4.63
CA LEU A 322 18.13 1.14 3.66
C LEU A 322 17.74 2.47 4.30
N TRP A 323 17.28 2.47 5.55
CA TRP A 323 16.73 3.65 6.22
C TRP A 323 17.41 3.82 7.57
N ASP A 324 18.02 4.98 7.78
CA ASP A 324 18.52 5.43 9.09
C ASP A 324 17.37 5.49 10.12
N SER A 325 17.26 4.53 11.06
CA SER A 325 16.02 4.35 11.84
CA SER A 325 16.01 4.33 11.82
C SER A 325 16.30 3.57 13.13
N ARG A 326 15.20 3.30 13.91
CA ARG A 326 15.16 2.44 15.11
C ARG A 326 14.16 1.26 14.96
N LEU A 327 14.34 0.18 15.78
CA LEU A 327 13.56 -1.08 15.69
C LEU A 327 12.88 -1.51 17.01
N PHE A 328 11.62 -2.00 16.92
CA PHE A 328 10.75 -2.28 18.09
C PHE A 328 11.12 -3.55 18.86
N ASN A 329 10.72 -3.58 20.15
CA ASN A 329 10.82 -4.77 21.02
C ASN A 329 9.45 -5.43 21.16
N TYR A 330 9.18 -6.41 20.30
CA TYR A 330 7.85 -7.04 20.30
C TYR A 330 7.56 -7.88 21.56
N GLY A 331 8.56 -8.22 22.38
CA GLY A 331 8.32 -9.03 23.58
C GLY A 331 7.75 -8.31 24.81
N SER A 332 7.57 -6.99 24.76
CA SER A 332 7.05 -6.26 25.92
C SER A 332 5.52 -6.25 25.92
N PHE A 333 4.90 -6.56 27.07
CA PHE A 333 3.44 -6.69 27.14
C PHE A 333 2.72 -5.43 26.70
N GLU A 334 3.23 -4.26 27.13
CA GLU A 334 2.60 -3.00 26.72
C GLU A 334 2.88 -2.64 25.25
N VAL A 335 3.96 -3.15 24.65
CA VAL A 335 4.19 -2.95 23.21
C VAL A 335 3.20 -3.78 22.39
N GLN A 336 2.91 -5.02 22.83
CA GLN A 336 1.86 -5.82 22.21
C GLN A 336 0.49 -5.13 22.32
N ARG A 337 0.17 -4.59 23.51
CA ARG A 337 -1.08 -3.83 23.68
C ARG A 337 -1.13 -2.61 22.74
N PHE A 338 -0.01 -1.89 22.61
CA PHE A 338 0.08 -0.70 21.77
C PHE A 338 -0.18 -1.02 20.31
N LEU A 339 0.60 -1.97 19.74
CA LEU A 339 0.49 -2.25 18.30
C LEU A 339 -0.82 -2.96 17.96
N LEU A 340 -1.32 -3.84 18.84
CA LEU A 340 -2.58 -4.55 18.56
C LEU A 340 -3.78 -3.60 18.66
N ALA A 341 -3.87 -2.81 19.72
CA ALA A 341 -4.86 -1.74 19.78
C ALA A 341 -4.79 -0.81 18.57
N ASN A 342 -3.58 -0.53 18.06
CA ASN A 342 -3.42 0.29 16.85
C ASN A 342 -4.16 -0.32 15.65
N LEU A 343 -4.11 -1.65 15.50
CA LEU A 343 -4.83 -2.30 14.41
C LEU A 343 -6.34 -2.24 14.62
N ALA A 344 -6.82 -2.56 15.82
CA ALA A 344 -8.26 -2.51 16.13
C ALA A 344 -8.80 -1.08 16.03
N TYR A 345 -7.97 -0.09 16.38
CA TYR A 345 -8.39 1.30 16.29
C TYR A 345 -8.64 1.72 14.83
N TYR A 346 -7.74 1.36 13.89
CA TYR A 346 -7.93 1.78 12.49
C TYR A 346 -9.13 1.09 11.86
N ILE A 347 -9.37 -0.20 12.24
CA ILE A 347 -10.52 -0.97 11.76
C ILE A 347 -11.83 -0.40 12.30
N ASP A 348 -11.93 -0.20 13.63
CA ASP A 348 -13.18 0.22 14.28
C ASP A 348 -13.46 1.70 14.06
N VAL A 349 -12.47 2.56 14.34
CA VAL A 349 -12.70 4.01 14.40
C VAL A 349 -12.71 4.64 13.01
N TYR A 350 -11.88 4.14 12.07
CA TYR A 350 -11.82 4.67 10.71
C TYR A 350 -12.48 3.78 9.67
N GLN A 351 -12.87 2.55 10.04
CA GLN A 351 -13.46 1.56 9.12
C GLN A 351 -12.53 1.23 7.94
N PHE A 352 -11.21 1.24 8.14
CA PHE A 352 -10.32 0.62 7.17
C PHE A 352 -10.66 -0.85 7.05
N ASP A 353 -10.36 -1.44 5.89
CA ASP A 353 -10.74 -2.81 5.60
C ASP A 353 -9.58 -3.80 5.63
N GLY A 354 -8.33 -3.35 5.75
CA GLY A 354 -7.18 -4.25 5.73
C GLY A 354 -5.89 -3.47 5.58
N PHE A 355 -4.77 -4.21 5.44
CA PHE A 355 -3.43 -3.62 5.61
C PHE A 355 -2.38 -4.18 4.65
N ARG A 356 -1.45 -3.32 4.18
CA ARG A 356 -0.15 -3.76 3.64
C ARG A 356 0.98 -3.43 4.62
N PHE A 357 1.70 -4.45 5.07
CA PHE A 357 2.82 -4.28 5.99
C PHE A 357 4.12 -4.04 5.21
N ASP A 358 4.75 -2.89 5.40
CA ASP A 358 5.98 -2.60 4.66
C ASP A 358 7.21 -3.10 5.42
N GLY A 359 8.30 -3.32 4.67
CA GLY A 359 9.55 -3.74 5.27
C GLY A 359 9.58 -5.13 5.88
N VAL A 360 8.76 -6.07 5.41
CA VAL A 360 8.67 -7.40 6.03
C VAL A 360 10.00 -8.14 5.94
N THR A 361 10.78 -7.91 4.88
CA THR A 361 12.07 -8.58 4.73
C THR A 361 13.03 -8.17 5.84
N SER A 362 12.99 -6.90 6.26
CA SER A 362 13.87 -6.51 7.35
C SER A 362 13.38 -7.03 8.70
N MET A 363 12.07 -7.29 8.86
CA MET A 363 11.57 -7.84 10.13
C MET A 363 11.86 -9.33 10.29
N LEU A 364 11.82 -10.09 9.19
CA LEU A 364 11.86 -11.54 9.26
C LEU A 364 13.24 -12.06 9.69
N TYR A 365 14.33 -11.39 9.31
CA TYR A 365 15.67 -11.91 9.51
C TYR A 365 16.43 -11.08 10.54
N LEU A 366 17.35 -11.74 11.25
CA LEU A 366 18.15 -11.04 12.24
C LEU A 366 19.23 -10.14 11.61
N HIS A 367 19.65 -10.42 10.37
CA HIS A 367 20.53 -9.53 9.60
C HIS A 367 19.77 -8.55 8.71
N HIS A 368 18.43 -8.59 8.74
CA HIS A 368 17.54 -7.60 8.11
C HIS A 368 17.73 -7.49 6.59
N GLY A 369 18.19 -8.57 5.96
CA GLY A 369 18.31 -8.61 4.51
C GLY A 369 19.67 -8.27 3.96
N VAL A 370 20.71 -8.32 4.78
CA VAL A 370 22.09 -8.03 4.38
C VAL A 370 22.19 -6.59 3.94
N SER A 389 19.47 -15.82 6.76
CA SER A 389 18.44 -16.85 6.75
C SER A 389 18.06 -17.27 8.18
N GLY A 390 18.64 -16.60 9.18
CA GLY A 390 18.24 -16.82 10.56
C GLY A 390 17.08 -15.92 10.95
N VAL A 391 15.98 -16.52 11.44
CA VAL A 391 14.68 -15.90 11.65
C VAL A 391 14.56 -15.25 13.03
N ASP A 392 13.88 -14.10 13.08
CA ASP A 392 13.52 -13.43 14.32
C ASP A 392 12.12 -13.90 14.74
N HIS A 393 12.04 -14.72 15.80
CA HIS A 393 10.77 -15.33 16.22
C HIS A 393 9.86 -14.41 17.04
N GLU A 394 10.40 -13.36 17.68
CA GLU A 394 9.54 -12.41 18.37
C GLU A 394 8.81 -11.52 17.37
N ALA A 395 9.52 -11.01 16.35
CA ALA A 395 8.88 -10.25 15.30
C ALA A 395 7.87 -11.09 14.53
N LEU A 396 8.16 -12.39 14.36
CA LEU A 396 7.21 -13.26 13.66
C LEU A 396 5.99 -13.55 14.51
N ALA A 397 6.16 -13.76 15.83
CA ALA A 397 5.00 -13.99 16.69
C ALA A 397 4.07 -12.78 16.75
N TYR A 398 4.60 -11.55 16.72
CA TYR A 398 3.72 -10.37 16.69
C TYR A 398 2.85 -10.37 15.43
N LEU A 399 3.45 -10.64 14.26
CA LEU A 399 2.66 -10.69 13.04
C LEU A 399 1.60 -11.78 13.09
N MET A 400 1.88 -12.90 13.78
CA MET A 400 0.87 -13.96 13.93
C MET A 400 -0.33 -13.49 14.76
N LEU A 401 -0.08 -12.90 15.93
CA LEU A 401 -1.18 -12.39 16.74
C LEU A 401 -1.93 -11.27 16.04
N ALA A 402 -1.21 -10.47 15.24
CA ALA A 402 -1.85 -9.36 14.52
C ALA A 402 -2.83 -9.89 13.48
N ASN A 403 -2.46 -10.95 12.77
CA ASN A 403 -3.37 -11.57 11.80
C ASN A 403 -4.60 -12.20 12.50
N ASP A 404 -4.41 -12.84 13.67
CA ASP A 404 -5.56 -13.35 14.44
C ASP A 404 -6.56 -12.25 14.78
N LEU A 405 -6.10 -11.18 15.43
CA LEU A 405 -7.01 -10.11 15.84
C LEU A 405 -7.76 -9.54 14.64
N VAL A 406 -7.04 -9.23 13.56
CA VAL A 406 -7.66 -8.58 12.41
C VAL A 406 -8.73 -9.48 11.79
N HIS A 407 -8.48 -10.80 11.72
CA HIS A 407 -9.54 -11.67 11.18
C HIS A 407 -10.65 -11.93 12.20
N ASP A 408 -10.36 -11.88 13.52
CA ASP A 408 -11.46 -11.98 14.50
C ASP A 408 -12.38 -10.75 14.47
N LEU A 409 -11.85 -9.57 14.10
CA LEU A 409 -12.64 -8.35 14.08
C LEU A 409 -13.67 -8.34 12.95
N LEU A 410 -13.30 -8.86 11.77
CA LEU A 410 -14.15 -8.87 10.57
C LEU A 410 -14.21 -10.29 10.01
N PRO A 411 -14.98 -11.17 10.63
CA PRO A 411 -14.95 -12.60 10.23
C PRO A 411 -15.30 -12.80 8.76
N GLU A 412 -14.34 -13.40 8.03
CA GLU A 412 -14.39 -13.78 6.62
C GLU A 412 -14.20 -12.64 5.62
N SER A 413 -13.92 -11.40 6.06
CA SER A 413 -13.75 -10.27 5.15
C SER A 413 -12.35 -9.62 5.14
N ALA A 414 -11.61 -9.64 6.25
CA ALA A 414 -10.38 -8.85 6.37
C ALA A 414 -9.28 -9.27 5.39
N VAL A 415 -8.39 -8.32 5.04
CA VAL A 415 -7.28 -8.48 4.07
C VAL A 415 -5.95 -8.06 4.72
N THR A 416 -4.87 -8.82 4.49
CA THR A 416 -3.51 -8.39 4.86
C THR A 416 -2.50 -8.78 3.76
N ILE A 417 -1.48 -7.91 3.53
CA ILE A 417 -0.49 -8.03 2.44
C ILE A 417 0.92 -7.77 2.97
N ALA A 418 1.93 -8.45 2.39
CA ALA A 418 3.33 -8.35 2.82
C ALA A 418 4.29 -7.86 1.72
N GLU A 419 5.20 -6.93 2.07
CA GLU A 419 6.30 -6.47 1.19
C GLU A 419 7.58 -7.21 1.59
N ASP A 420 7.97 -8.19 0.78
CA ASP A 420 9.03 -9.13 1.16
C ASP A 420 9.87 -9.51 -0.07
N VAL A 421 11.05 -8.88 -0.23
CA VAL A 421 11.91 -9.17 -1.38
C VAL A 421 12.37 -10.62 -1.35
N SER A 422 12.66 -11.13 -0.15
CA SER A 422 13.32 -12.42 -0.01
C SER A 422 12.44 -13.57 -0.49
N GLY A 423 11.14 -13.53 -0.22
CA GLY A 423 10.29 -14.67 -0.59
C GLY A 423 10.27 -15.82 0.42
N TYR A 424 10.10 -15.48 1.70
CA TYR A 424 10.13 -16.46 2.79
C TYR A 424 8.98 -17.47 2.71
N PRO A 425 9.26 -18.77 2.74
CA PRO A 425 8.17 -19.77 2.64
C PRO A 425 7.34 -19.87 3.91
N THR A 426 6.03 -20.07 3.73
CA THR A 426 4.92 -20.24 4.69
C THR A 426 4.36 -18.90 5.16
N LEU A 427 4.90 -17.76 4.69
CA LEU A 427 4.42 -16.46 5.15
C LEU A 427 2.92 -16.30 4.95
N CYS A 428 2.38 -16.81 3.84
CA CYS A 428 1.00 -16.57 3.43
C CYS A 428 0.09 -17.81 3.54
N LEU A 429 0.34 -18.70 4.54
CA LEU A 429 -0.49 -19.84 4.93
C LEU A 429 -1.18 -19.59 6.27
N PRO A 430 -2.34 -20.21 6.53
CA PRO A 430 -3.13 -19.86 7.73
C PRO A 430 -2.54 -20.42 9.01
N ARG A 431 -3.00 -19.85 10.13
CA ARG A 431 -2.39 -20.13 11.43
C ARG A 431 -2.65 -21.54 11.94
N THR A 432 -3.81 -22.12 11.61
CA THR A 432 -4.10 -23.51 11.98
C THR A 432 -3.09 -24.49 11.38
N ALA A 433 -2.41 -24.10 10.29
CA ALA A 433 -1.39 -24.91 9.63
C ALA A 433 0.03 -24.42 9.91
N GLY A 434 0.22 -23.68 11.00
CA GLY A 434 1.54 -23.20 11.39
C GLY A 434 2.03 -21.94 10.69
N GLY A 435 1.23 -21.34 9.82
CA GLY A 435 1.71 -20.27 8.96
C GLY A 435 1.72 -18.89 9.61
N GLY A 436 2.12 -17.91 8.81
CA GLY A 436 2.11 -16.54 9.28
C GLY A 436 0.75 -15.87 9.28
N GLY A 437 -0.16 -16.32 8.43
CA GLY A 437 -1.50 -15.76 8.41
C GLY A 437 -1.74 -14.62 7.44
N PHE A 438 -0.75 -14.26 6.60
CA PHE A 438 -0.96 -13.24 5.57
C PHE A 438 -1.80 -13.81 4.42
N ASP A 439 -2.57 -12.92 3.78
CA ASP A 439 -3.34 -13.33 2.62
C ASP A 439 -2.53 -13.24 1.30
N TYR A 440 -1.62 -12.26 1.14
CA TYR A 440 -0.86 -12.06 -0.13
C TYR A 440 0.56 -11.55 0.13
N ARG A 441 1.43 -11.60 -0.92
CA ARG A 441 2.77 -10.96 -0.98
C ARG A 441 2.99 -10.24 -2.34
N LEU A 442 3.98 -9.34 -2.42
CA LEU A 442 4.33 -8.62 -3.65
C LEU A 442 5.39 -9.34 -4.49
N ALA A 443 5.30 -9.20 -5.83
CA ALA A 443 6.24 -9.86 -6.77
C ALA A 443 7.34 -8.92 -7.25
N MET A 444 8.34 -8.70 -6.40
CA MET A 444 9.25 -7.57 -6.63
C MET A 444 10.35 -7.80 -7.67
N ALA A 445 10.49 -9.00 -8.23
CA ALA A 445 11.54 -9.23 -9.21
C ALA A 445 11.15 -8.90 -10.66
N LEU A 446 9.86 -8.81 -10.97
CA LEU A 446 9.44 -8.70 -12.37
C LEU A 446 9.97 -7.47 -13.12
N PRO A 447 9.97 -6.25 -12.57
CA PRO A 447 10.38 -5.09 -13.38
C PRO A 447 11.78 -5.19 -13.99
N ASP A 448 12.69 -5.94 -13.39
CA ASP A 448 14.07 -6.02 -13.87
C ASP A 448 14.22 -6.84 -15.15
N MET A 449 13.29 -7.75 -15.44
CA MET A 449 13.40 -8.52 -16.68
C MET A 449 13.27 -7.63 -17.91
N TRP A 450 12.38 -6.63 -17.87
CA TRP A 450 12.14 -5.82 -19.06
C TRP A 450 13.31 -4.87 -19.36
N ILE A 451 14.02 -4.39 -18.33
CA ILE A 451 15.13 -3.44 -18.54
C ILE A 451 16.29 -4.11 -19.25
N LYS A 452 16.64 -5.33 -18.84
CA LYS A 452 17.74 -6.04 -19.50
C LYS A 452 17.46 -6.22 -21.00
N LEU A 453 16.20 -6.44 -21.36
CA LEU A 453 15.86 -6.72 -22.75
C LEU A 453 16.11 -5.50 -23.64
N LEU A 454 15.63 -4.33 -23.22
CA LEU A 454 15.71 -3.13 -24.04
C LEU A 454 17.12 -2.55 -24.10
N LYS A 455 17.93 -2.76 -23.06
CA LYS A 455 19.24 -2.13 -23.06
C LYS A 455 20.24 -2.86 -23.95
N THR A 456 20.16 -4.19 -24.03
CA THR A 456 21.28 -4.97 -24.58
C THR A 456 20.99 -5.75 -25.85
N LYS A 457 19.74 -6.05 -26.18
CA LYS A 457 19.42 -6.92 -27.30
C LYS A 457 18.85 -6.13 -28.48
N GLN A 458 19.27 -6.51 -29.69
CA GLN A 458 18.52 -6.11 -30.88
C GLN A 458 17.16 -6.79 -30.88
N ASP A 459 16.21 -6.17 -31.59
CA ASP A 459 14.85 -6.69 -31.62
C ASP A 459 14.78 -8.08 -32.24
N ASP A 460 15.69 -8.38 -33.16
CA ASP A 460 15.69 -9.70 -33.79
C ASP A 460 16.03 -10.82 -32.82
N ASP A 461 16.58 -10.49 -31.64
CA ASP A 461 17.18 -11.49 -30.76
C ASP A 461 16.47 -11.62 -29.42
N TRP A 462 15.16 -11.36 -29.37
CA TRP A 462 14.41 -11.53 -28.14
C TRP A 462 14.10 -13.01 -27.88
N ASP A 463 14.21 -13.43 -26.62
CA ASP A 463 14.06 -14.83 -26.20
C ASP A 463 12.68 -15.05 -25.56
N MET A 464 11.79 -15.78 -26.22
CA MET A 464 10.43 -15.91 -25.67
C MET A 464 10.36 -16.83 -24.45
N GLY A 465 11.12 -17.93 -24.45
CA GLY A 465 11.03 -18.86 -23.33
C GLY A 465 11.50 -18.27 -22.01
N HIS A 466 12.45 -17.34 -22.06
CA HIS A 466 12.90 -16.67 -20.84
C HIS A 466 11.80 -15.80 -20.24
N ILE A 467 10.95 -15.21 -21.08
CA ILE A 467 9.90 -14.33 -20.59
C ILE A 467 8.81 -15.13 -19.84
N VAL A 468 8.39 -16.26 -20.39
CA VAL A 468 7.36 -17.09 -19.76
C VAL A 468 7.82 -17.64 -18.39
N HIS A 469 9.03 -18.19 -18.34
CA HIS A 469 9.52 -18.76 -17.10
C HIS A 469 9.48 -17.74 -15.95
N THR A 470 9.92 -16.50 -16.22
CA THR A 470 10.01 -15.52 -15.15
C THR A 470 8.63 -15.19 -14.58
N LEU A 471 7.61 -15.17 -15.42
CA LEU A 471 6.30 -14.73 -14.95
C LEU A 471 5.56 -15.80 -14.14
N THR A 472 5.80 -17.10 -14.37
CA THR A 472 4.99 -18.16 -13.78
C THR A 472 5.60 -18.84 -12.55
N ASN A 473 6.85 -18.54 -12.21
CA ASN A 473 7.58 -19.16 -11.10
C ASN A 473 7.12 -18.62 -9.74
N ARG A 474 6.07 -19.21 -9.14
CA ARG A 474 5.60 -18.82 -7.79
C ARG A 474 5.24 -20.03 -6.95
N ARG A 475 5.20 -19.84 -5.62
CA ARG A 475 5.00 -20.94 -4.68
C ARG A 475 3.51 -21.24 -4.45
N HIS A 476 3.18 -22.52 -4.37
CA HIS A 476 1.77 -22.91 -4.29
C HIS A 476 1.18 -22.62 -2.90
N GLY A 477 -0.04 -22.09 -2.89
CA GLY A 477 -0.71 -21.75 -1.66
C GLY A 477 -0.41 -20.38 -1.12
N GLU A 478 0.50 -19.64 -1.75
CA GLU A 478 0.95 -18.33 -1.29
C GLU A 478 0.69 -17.32 -2.41
N LYS A 479 -0.41 -16.58 -2.28
CA LYS A 479 -0.90 -15.72 -3.34
C LYS A 479 -0.05 -14.44 -3.48
N VAL A 480 0.01 -13.91 -4.72
CA VAL A 480 1.01 -12.93 -5.14
C VAL A 480 0.34 -11.74 -5.84
N VAL A 481 0.85 -10.51 -5.61
CA VAL A 481 0.45 -9.30 -6.33
C VAL A 481 1.51 -8.96 -7.40
N ALA A 482 1.13 -8.94 -8.70
CA ALA A 482 2.08 -8.69 -9.80
C ALA A 482 1.98 -7.28 -10.39
N TYR A 483 3.11 -6.79 -10.96
CA TYR A 483 3.22 -5.48 -11.62
C TYR A 483 4.47 -5.43 -12.53
N CYS A 484 4.50 -4.48 -13.50
CA CYS A 484 5.61 -4.41 -14.47
C CYS A 484 6.59 -3.23 -14.29
N GLU A 485 6.27 -2.22 -13.49
CA GLU A 485 7.29 -1.25 -13.09
C GLU A 485 6.85 -0.65 -11.75
N SER A 486 7.82 -0.25 -10.94
CA SER A 486 7.61 0.05 -9.53
C SER A 486 7.59 1.56 -9.26
N HIS A 487 7.17 1.94 -8.05
CA HIS A 487 7.20 3.37 -7.74
C HIS A 487 8.61 3.95 -7.68
N ASP A 488 9.65 3.13 -7.56
CA ASP A 488 11.01 3.68 -7.58
C ASP A 488 11.55 3.92 -8.99
N GLN A 489 11.18 3.08 -9.96
CA GLN A 489 11.66 3.28 -11.33
C GLN A 489 11.23 4.63 -11.91
N ALA A 490 10.16 5.22 -11.40
CA ALA A 490 9.71 6.51 -11.88
C ALA A 490 10.56 7.69 -11.41
N LEU A 491 11.59 7.48 -10.57
CA LEU A 491 12.33 8.58 -9.94
C LEU A 491 13.51 9.09 -10.82
N VAL A 492 14.03 10.27 -10.43
CA VAL A 492 15.27 10.82 -10.99
C VAL A 492 16.41 9.82 -10.87
N GLY A 493 17.29 9.83 -11.87
CA GLY A 493 18.40 8.90 -11.95
C GLY A 493 18.03 7.55 -12.51
N ASP A 494 16.76 7.29 -12.78
CA ASP A 494 16.26 6.02 -13.30
C ASP A 494 15.51 6.26 -14.61
N LYS A 495 14.93 5.20 -15.16
CA LYS A 495 14.22 5.31 -16.43
C LYS A 495 12.95 4.47 -16.37
N THR A 496 11.84 5.06 -16.77
CA THR A 496 10.60 4.34 -16.92
C THR A 496 10.66 3.43 -18.15
N LEU A 497 9.64 2.58 -18.28
CA LEU A 497 9.49 1.79 -19.49
C LEU A 497 9.44 2.69 -20.73
N ALA A 498 8.65 3.75 -20.67
CA ALA A 498 8.48 4.59 -21.85
C ALA A 498 9.81 5.17 -22.34
N PHE A 499 10.67 5.64 -21.43
CA PHE A 499 11.93 6.26 -21.87
C PHE A 499 12.91 5.25 -22.48
N TRP A 500 12.98 4.04 -21.92
CA TRP A 500 13.81 3.00 -22.53
C TRP A 500 13.39 2.72 -23.97
N LEU A 501 12.11 2.88 -24.28
CA LEU A 501 11.59 2.54 -25.61
C LEU A 501 11.85 3.65 -26.64
N MET A 502 11.71 4.94 -26.26
CA MET A 502 11.67 6.03 -27.24
C MET A 502 12.62 7.19 -27.00
N ASP A 503 13.18 7.34 -25.81
CA ASP A 503 14.28 8.31 -25.52
C ASP A 503 13.79 9.76 -25.77
N ALA A 504 14.64 10.61 -26.34
CA ALA A 504 14.35 12.03 -26.47
C ALA A 504 13.32 12.35 -27.55
N ALA A 505 13.11 11.43 -28.49
CA ALA A 505 12.09 11.62 -29.52
C ALA A 505 10.69 11.75 -28.92
N MET A 506 10.50 11.45 -27.63
CA MET A 506 9.21 11.67 -26.99
C MET A 506 8.89 13.15 -26.85
N TYR A 507 9.88 14.04 -26.93
CA TYR A 507 9.66 15.48 -26.77
C TYR A 507 9.44 16.20 -28.10
N THR A 508 9.37 15.49 -29.21
CA THR A 508 9.10 16.12 -30.50
C THR A 508 8.10 15.31 -31.31
N ASP A 509 8.24 13.99 -31.30
CA ASP A 509 7.45 13.12 -32.16
C ASP A 509 6.29 12.41 -31.47
N MET A 510 5.90 12.82 -30.25
CA MET A 510 4.68 12.27 -29.67
C MET A 510 3.42 13.03 -30.11
N THR A 511 3.51 13.77 -31.22
CA THR A 511 2.40 14.54 -31.75
C THR A 511 1.58 13.70 -32.71
N VAL A 512 0.27 13.90 -32.67
CA VAL A 512 -0.65 13.23 -33.60
C VAL A 512 -0.51 13.80 -35.02
N LEU A 513 0.04 15.00 -35.17
CA LEU A 513 -0.07 15.71 -36.45
C LEU A 513 0.83 15.13 -37.54
N LYS A 514 1.95 14.50 -37.20
CA LYS A 514 2.79 13.87 -38.20
C LYS A 514 2.75 12.36 -38.03
N GLU A 515 2.85 11.67 -39.16
CA GLU A 515 2.81 10.22 -39.13
C GLU A 515 3.95 9.70 -38.25
N PRO A 516 3.73 8.61 -37.52
CA PRO A 516 4.79 8.14 -36.60
C PRO A 516 6.08 7.85 -37.34
N THR A 517 7.18 8.35 -36.79
CA THR A 517 8.50 7.92 -37.18
C THR A 517 8.70 6.44 -36.85
N LEU A 518 9.80 5.87 -37.34
CA LEU A 518 10.08 4.48 -37.02
C LEU A 518 10.21 4.25 -35.52
N VAL A 519 10.74 5.21 -34.76
CA VAL A 519 10.98 4.96 -33.34
C VAL A 519 9.67 5.02 -32.53
N ILE A 520 8.75 5.94 -32.86
CA ILE A 520 7.53 6.10 -32.07
C ILE A 520 6.54 4.97 -32.33
N ASP A 521 6.48 4.47 -33.57
CA ASP A 521 5.56 3.37 -33.87
C ASP A 521 5.92 2.12 -33.06
N ARG A 522 7.21 1.78 -33.05
CA ARG A 522 7.69 0.66 -32.24
C ARG A 522 7.36 0.85 -30.76
N GLY A 523 7.50 2.08 -30.24
CA GLY A 523 7.44 2.28 -28.80
C GLY A 523 6.04 2.15 -28.20
N ILE A 524 5.04 2.70 -28.87
CA ILE A 524 3.67 2.65 -28.34
C ILE A 524 3.16 1.21 -28.27
N ALA A 525 3.44 0.42 -29.29
CA ALA A 525 2.91 -0.94 -29.34
C ALA A 525 3.45 -1.79 -28.18
N LEU A 526 4.76 -1.71 -27.93
CA LEU A 526 5.39 -2.53 -26.90
C LEU A 526 4.95 -2.14 -25.49
N HIS A 527 4.58 -0.88 -25.27
CA HIS A 527 4.19 -0.45 -23.93
C HIS A 527 2.90 -1.13 -23.48
N LYS A 528 1.94 -1.32 -24.39
CA LYS A 528 0.69 -1.97 -24.03
C LYS A 528 0.88 -3.49 -23.83
N MET A 529 1.65 -4.11 -24.72
CA MET A 529 1.86 -5.56 -24.66
C MET A 529 2.51 -5.98 -23.33
N ILE A 530 3.40 -5.14 -22.80
CA ILE A 530 4.14 -5.51 -21.59
C ILE A 530 3.22 -5.53 -20.35
N ARG A 531 2.32 -4.55 -20.23
CA ARG A 531 1.39 -4.57 -19.09
C ARG A 531 0.46 -5.79 -19.13
N LEU A 532 -0.11 -6.10 -20.30
CA LEU A 532 -1.14 -7.14 -20.35
C LEU A 532 -0.59 -8.53 -20.01
N ILE A 533 0.59 -8.87 -20.51
CA ILE A 533 1.12 -10.20 -20.17
C ILE A 533 1.45 -10.26 -18.67
N THR A 534 1.82 -9.13 -18.05
CA THR A 534 2.05 -9.11 -16.60
C THR A 534 0.75 -9.39 -15.82
N HIS A 535 -0.35 -8.74 -16.24
CA HIS A 535 -1.65 -8.79 -15.55
C HIS A 535 -2.25 -10.19 -15.59
N SER A 536 -2.14 -10.89 -16.72
CA SER A 536 -2.88 -12.12 -16.91
C SER A 536 -2.09 -13.37 -16.53
N LEU A 537 -0.75 -13.34 -16.60
CA LEU A 537 0.09 -14.51 -16.37
C LEU A 537 0.86 -14.48 -15.06
N GLY A 538 0.99 -13.33 -14.41
CA GLY A 538 1.97 -13.14 -13.36
C GLY A 538 1.59 -13.24 -11.88
N GLY A 539 0.32 -13.25 -11.51
CA GLY A 539 0.00 -13.36 -10.10
C GLY A 539 -1.48 -13.60 -9.81
N GLU A 540 -1.83 -13.48 -8.52
CA GLU A 540 -3.21 -13.67 -8.02
C GLU A 540 -3.95 -12.35 -7.71
N ALA A 541 -3.22 -11.21 -7.72
CA ALA A 541 -3.79 -9.86 -7.72
C ALA A 541 -2.89 -8.98 -8.58
N TYR A 542 -3.34 -7.74 -8.85
CA TYR A 542 -2.57 -6.78 -9.66
C TYR A 542 -2.35 -5.46 -8.93
N LEU A 543 -1.29 -4.73 -9.33
CA LEU A 543 -0.95 -3.40 -8.80
C LEU A 543 -0.41 -2.48 -9.89
N ASN A 544 -0.80 -1.19 -9.85
CA ASN A 544 -0.32 -0.17 -10.79
C ASN A 544 0.03 1.09 -10.04
N PHE A 545 1.21 1.68 -10.33
CA PHE A 545 1.59 2.96 -9.72
C PHE A 545 1.08 4.15 -10.53
N GLU A 546 0.49 5.11 -9.83
CA GLU A 546 -0.09 6.35 -10.34
C GLU A 546 0.76 7.01 -11.43
N GLY A 547 0.24 7.02 -12.66
CA GLY A 547 0.84 7.72 -13.79
C GLY A 547 1.38 6.80 -14.88
N ASN A 548 1.82 5.61 -14.51
CA ASN A 548 2.37 4.71 -15.51
C ASN A 548 1.28 4.10 -16.37
N GLU A 549 0.01 4.19 -15.96
CA GLU A 549 -1.05 3.66 -16.81
C GLU A 549 -1.16 4.44 -18.12
N PHE A 550 -0.44 5.58 -18.30
CA PHE A 550 -0.47 6.30 -19.58
C PHE A 550 0.92 6.69 -20.12
N GLY A 551 2.01 6.04 -19.70
CA GLY A 551 3.33 6.38 -20.23
C GLY A 551 3.87 7.76 -19.86
N HIS A 552 3.58 8.23 -18.64
CA HIS A 552 4.11 9.50 -18.12
C HIS A 552 5.57 9.69 -18.53
N PRO A 553 5.91 10.79 -19.19
CA PRO A 553 7.30 11.04 -19.62
C PRO A 553 8.08 11.71 -18.50
N GLU A 554 9.39 11.88 -18.75
CA GLU A 554 10.28 12.50 -17.76
C GLU A 554 10.24 11.70 -16.45
N TRP A 555 10.64 12.31 -15.33
CA TRP A 555 10.85 11.58 -14.08
C TRP A 555 10.10 12.27 -12.92
N LEU A 556 10.09 11.59 -11.76
CA LEU A 556 9.49 12.08 -10.52
C LEU A 556 10.58 12.43 -9.51
N ASP A 557 10.42 13.58 -8.83
CA ASP A 557 11.40 14.05 -7.85
C ASP A 557 10.72 14.92 -6.79
N PHE A 558 10.90 14.58 -5.51
CA PHE A 558 10.33 15.39 -4.44
C PHE A 558 11.19 16.63 -4.20
N PRO A 559 10.66 17.66 -3.53
CA PRO A 559 11.49 18.81 -3.16
C PRO A 559 12.54 18.40 -2.13
N ARG A 560 13.77 18.89 -2.32
CA ARG A 560 14.93 18.40 -1.56
C ARG A 560 16.11 19.33 -1.82
N VAL A 561 17.20 19.07 -1.09
CA VAL A 561 18.33 19.99 -1.07
C VAL A 561 19.00 20.08 -2.45
N GLY A 562 19.06 18.98 -3.18
CA GLY A 562 19.79 18.98 -4.45
C GLY A 562 19.11 19.58 -5.65
N ASN A 563 17.84 20.01 -5.54
CA ASN A 563 17.15 20.67 -6.64
C ASN A 563 16.60 22.03 -6.22
N ASN A 564 17.10 22.60 -5.12
CA ASN A 564 16.61 23.87 -4.57
C ASN A 564 15.14 23.77 -4.15
N ASP A 565 14.75 22.64 -3.55
CA ASP A 565 13.39 22.43 -3.03
C ASP A 565 12.34 22.64 -4.11
N SER A 566 12.68 22.21 -5.33
CA SER A 566 11.83 22.43 -6.49
C SER A 566 10.72 21.40 -6.52
N TYR A 567 9.48 21.86 -6.73
CA TYR A 567 8.35 20.98 -6.95
C TYR A 567 8.10 20.70 -8.44
N HIS A 568 9.04 21.06 -9.33
CA HIS A 568 8.76 20.96 -10.77
C HIS A 568 8.48 19.53 -11.22
N TYR A 569 9.07 18.53 -10.56
CA TYR A 569 8.81 17.12 -10.87
C TYR A 569 8.10 16.37 -9.74
N ALA A 570 7.51 17.07 -8.78
CA ALA A 570 6.79 16.44 -7.66
C ALA A 570 5.29 16.46 -7.88
N ARG A 571 4.87 15.94 -9.04
CA ARG A 571 3.51 16.13 -9.53
C ARG A 571 3.23 15.01 -10.50
N ARG A 572 2.02 15.03 -11.06
CA ARG A 572 1.60 14.03 -12.04
C ARG A 572 0.92 14.76 -13.18
N GLN A 573 1.49 14.68 -14.39
CA GLN A 573 0.95 15.41 -15.54
C GLN A 573 -0.30 14.73 -16.10
N PHE A 574 -1.34 14.65 -15.25
CA PHE A 574 -2.64 14.17 -15.70
C PHE A 574 -3.14 14.95 -16.90
N ASN A 575 -2.64 16.18 -17.11
CA ASN A 575 -3.06 17.03 -18.23
C ASN A 575 -2.65 16.46 -19.58
N LEU A 576 -1.62 15.61 -19.65
CA LEU A 576 -1.31 14.98 -20.93
C LEU A 576 -2.43 14.05 -21.38
N VAL A 577 -3.09 13.37 -20.43
CA VAL A 577 -4.20 12.49 -20.78
C VAL A 577 -5.34 13.27 -21.39
N ASP A 578 -5.49 14.55 -21.01
CA ASP A 578 -6.61 15.37 -21.45
C ASP A 578 -6.33 16.13 -22.77
N ASP A 579 -5.10 16.08 -23.30
CA ASP A 579 -4.71 16.80 -24.51
C ASP A 579 -4.86 15.90 -25.75
N ASP A 580 -5.66 16.36 -26.72
CA ASP A 580 -5.97 15.56 -27.90
C ASP A 580 -4.98 15.72 -29.05
N LEU A 581 -3.97 16.56 -28.92
CA LEU A 581 -2.94 16.60 -29.96
C LEU A 581 -1.81 15.60 -29.73
N LEU A 582 -1.87 14.83 -28.64
CA LEU A 582 -0.80 13.93 -28.23
C LEU A 582 -1.34 12.50 -28.08
N ARG A 583 -0.42 11.55 -27.95
CA ARG A 583 -0.75 10.14 -27.93
C ARG A 583 -0.86 9.53 -26.53
N TYR A 584 -0.73 10.32 -25.46
CA TYR A 584 -0.75 9.73 -24.11
C TYR A 584 -2.11 9.11 -23.75
N ARG A 585 -3.22 9.67 -24.25
CA ARG A 585 -4.53 9.12 -23.91
C ARG A 585 -4.74 7.74 -24.50
N HIS A 586 -4.06 7.44 -25.61
CA HIS A 586 -4.14 6.10 -26.19
C HIS A 586 -3.73 5.04 -25.19
N LEU A 587 -2.71 5.31 -24.38
CA LEU A 587 -2.28 4.30 -23.42
C LEU A 587 -3.23 4.20 -22.20
N ASN A 588 -3.80 5.32 -21.75
CA ASN A 588 -4.73 5.33 -20.61
C ASN A 588 -6.02 4.55 -20.90
N GLU A 589 -6.61 4.75 -22.09
CA GLU A 589 -7.84 4.04 -22.41
C GLU A 589 -7.61 2.53 -22.47
N PHE A 590 -6.40 2.10 -22.84
CA PHE A 590 -6.13 0.67 -22.81
C PHE A 590 -6.18 0.11 -21.38
N ASP A 591 -5.70 0.88 -20.39
CA ASP A 591 -5.67 0.38 -19.02
C ASP A 591 -7.08 0.16 -18.44
N ALA A 592 -7.99 1.13 -18.63
CA ALA A 592 -9.37 0.97 -18.14
C ALA A 592 -10.04 -0.28 -18.72
N ALA A 593 -9.75 -0.60 -19.98
CA ALA A 593 -10.39 -1.76 -20.61
C ALA A 593 -9.87 -3.07 -20.01
N MET A 594 -8.58 -3.12 -19.67
CA MET A 594 -8.00 -4.29 -19.01
C MET A 594 -8.68 -4.59 -17.66
N GLN A 595 -8.81 -3.59 -16.78
CA GLN A 595 -9.35 -3.87 -15.43
C GLN A 595 -10.81 -4.30 -15.47
N ASN A 596 -11.65 -3.62 -16.25
CA ASN A 596 -13.07 -3.99 -16.29
C ASN A 596 -13.27 -5.37 -16.89
N CYS A 597 -12.35 -5.80 -17.76
CA CYS A 597 -12.46 -7.14 -18.32
C CYS A 597 -12.36 -8.21 -17.23
N GLU A 598 -11.48 -7.99 -16.25
CA GLU A 598 -11.28 -9.00 -15.21
C GLU A 598 -12.48 -9.11 -14.27
N SER A 599 -13.11 -7.97 -13.93
CA SER A 599 -14.23 -8.03 -12.98
C SER A 599 -15.40 -8.84 -13.54
N LYS A 600 -15.59 -8.83 -14.85
CA LYS A 600 -16.68 -9.60 -15.46
C LYS A 600 -16.27 -11.05 -15.68
N HIS A 601 -15.02 -11.28 -16.06
CA HIS A 601 -14.49 -12.60 -16.40
C HIS A 601 -13.31 -12.90 -15.46
N GLN A 602 -13.61 -13.35 -14.25
CA GLN A 602 -12.58 -13.49 -13.21
C GLN A 602 -11.38 -14.29 -13.72
N TRP A 603 -10.17 -13.76 -13.52
CA TRP A 603 -8.95 -14.52 -13.79
C TRP A 603 -7.83 -14.35 -12.77
N LEU A 604 -7.92 -13.43 -11.80
CA LEU A 604 -6.82 -13.21 -10.86
C LEU A 604 -6.83 -14.19 -9.68
N ASN A 605 -7.90 -14.23 -8.88
CA ASN A 605 -7.96 -15.06 -7.65
C ASN A 605 -8.43 -16.49 -7.98
N THR A 606 -7.71 -17.11 -8.93
CA THR A 606 -8.04 -18.44 -9.42
C THR A 606 -6.75 -19.25 -9.58
N PRO A 607 -6.84 -20.56 -9.85
CA PRO A 607 -5.61 -21.35 -10.06
C PRO A 607 -4.77 -20.85 -11.24
N GLN A 608 -3.49 -21.26 -11.25
CA GLN A 608 -2.50 -20.82 -12.26
C GLN A 608 -2.93 -21.19 -13.69
N ALA A 609 -2.33 -20.51 -14.67
CA ALA A 609 -2.61 -20.68 -16.10
C ALA A 609 -1.87 -21.88 -16.71
N TYR A 610 -2.45 -22.42 -17.79
CA TYR A 610 -1.79 -23.43 -18.62
C TYR A 610 -1.28 -22.75 -19.90
N VAL A 611 0.05 -22.88 -20.16
CA VAL A 611 0.72 -22.18 -21.27
C VAL A 611 0.97 -23.15 -22.42
N SER A 612 0.63 -22.74 -23.66
CA SER A 612 0.71 -23.64 -24.81
C SER A 612 1.76 -23.27 -25.87
N LEU A 613 2.22 -22.01 -25.96
CA LEU A 613 3.13 -21.63 -27.05
C LEU A 613 4.12 -20.54 -26.64
N LYS A 614 5.35 -20.59 -27.22
CA LYS A 614 6.41 -19.58 -27.09
C LYS A 614 7.52 -19.72 -28.17
N HIS A 615 7.27 -19.21 -29.39
CA HIS A 615 8.03 -19.56 -30.61
C HIS A 615 9.24 -18.65 -30.86
N GLU A 616 10.42 -19.24 -31.10
CA GLU A 616 11.66 -18.44 -31.08
C GLU A 616 12.09 -17.85 -32.42
N VAL A 617 11.50 -18.25 -33.55
CA VAL A 617 11.76 -17.57 -34.83
C VAL A 617 10.61 -16.65 -35.22
N ASP A 618 9.35 -17.04 -34.90
CA ASP A 618 8.19 -16.18 -35.18
C ASP A 618 7.95 -15.12 -34.09
N LYS A 619 8.21 -15.45 -32.82
CA LYS A 619 8.08 -14.58 -31.64
C LYS A 619 6.62 -14.40 -31.14
N VAL A 620 5.92 -15.53 -30.90
CA VAL A 620 4.52 -15.57 -30.45
C VAL A 620 4.38 -16.37 -29.15
N ILE A 621 3.52 -15.91 -28.20
CA ILE A 621 3.21 -16.57 -26.92
C ILE A 621 1.68 -16.71 -26.74
N ALA A 622 1.20 -17.85 -26.18
CA ALA A 622 -0.26 -18.08 -25.93
C ALA A 622 -0.56 -19.01 -24.71
N PHE A 623 -1.70 -18.75 -23.99
CA PHE A 623 -2.10 -19.55 -22.81
C PHE A 623 -3.60 -19.40 -22.45
N GLU A 624 -4.07 -20.20 -21.43
CA GLU A 624 -5.43 -20.25 -20.86
C GLU A 624 -5.51 -20.08 -19.33
N ARG A 625 -6.58 -19.44 -18.80
CA ARG A 625 -6.75 -19.30 -17.33
C ARG A 625 -8.20 -19.10 -16.89
N ASN A 626 -8.66 -19.86 -15.89
CA ASN A 626 -10.08 -19.86 -15.42
C ASN A 626 -11.07 -20.02 -16.58
N GLY A 627 -10.64 -20.66 -17.66
CA GLY A 627 -11.47 -20.88 -18.83
C GLY A 627 -11.35 -19.85 -19.95
N HIS A 628 -10.49 -18.82 -19.81
CA HIS A 628 -10.28 -17.79 -20.83
C HIS A 628 -8.91 -17.94 -21.52
N LEU A 629 -8.68 -17.21 -22.65
CA LEU A 629 -7.55 -17.43 -23.57
C LEU A 629 -6.85 -16.15 -24.07
N PHE A 630 -5.48 -16.17 -24.15
CA PHE A 630 -4.61 -14.99 -24.36
C PHE A 630 -3.48 -15.22 -25.41
N VAL A 631 -3.20 -14.25 -26.32
CA VAL A 631 -2.24 -14.40 -27.45
C VAL A 631 -1.41 -13.10 -27.74
N PHE A 632 -0.08 -13.24 -28.01
CA PHE A 632 0.89 -12.12 -28.19
C PHE A 632 1.91 -12.30 -29.35
N ASN A 633 2.10 -11.29 -30.25
CA ASN A 633 3.09 -11.34 -31.36
C ASN A 633 4.14 -10.21 -31.28
N PHE A 634 5.41 -10.59 -31.04
CA PHE A 634 6.53 -9.66 -30.84
C PHE A 634 7.52 -9.54 -32.01
N HIS A 635 7.19 -9.99 -33.24
CA HIS A 635 8.17 -9.96 -34.35
C HIS A 635 8.37 -8.54 -34.91
N PRO A 636 9.62 -8.14 -35.24
CA PRO A 636 9.90 -6.74 -35.63
C PRO A 636 9.41 -6.30 -37.01
N THR A 637 9.33 -7.19 -38.00
CA THR A 637 8.88 -6.77 -39.32
C THR A 637 7.71 -7.57 -39.90
N GLN A 638 7.41 -8.77 -39.41
CA GLN A 638 6.51 -9.70 -40.12
C GLN A 638 5.16 -9.83 -39.42
N SER A 639 4.08 -9.78 -40.21
CA SER A 639 2.71 -10.06 -39.77
C SER A 639 2.25 -11.43 -40.27
N PHE A 640 1.34 -12.08 -39.50
CA PHE A 640 0.97 -13.48 -39.72
C PHE A 640 -0.51 -13.64 -40.04
N THR A 641 -0.81 -14.45 -41.05
CA THR A 641 -2.16 -14.84 -41.45
C THR A 641 -2.39 -16.32 -41.15
N ASP A 642 -3.53 -16.65 -40.50
CA ASP A 642 -3.98 -18.01 -40.24
C ASP A 642 -3.02 -18.76 -39.30
N TYR A 643 -2.74 -18.15 -38.14
CA TYR A 643 -1.87 -18.75 -37.14
C TYR A 643 -2.71 -19.61 -36.18
N ARG A 644 -2.31 -20.87 -35.98
CA ARG A 644 -3.07 -21.79 -35.12
C ARG A 644 -2.73 -21.63 -33.63
N ILE A 645 -3.76 -21.73 -32.77
CA ILE A 645 -3.69 -21.53 -31.31
C ILE A 645 -4.57 -22.58 -30.60
N GLY A 646 -4.05 -23.25 -29.56
CA GLY A 646 -4.77 -24.36 -28.90
C GLY A 646 -5.69 -24.00 -27.73
N VAL A 647 -6.71 -24.86 -27.49
CA VAL A 647 -7.86 -24.55 -26.60
C VAL A 647 -8.49 -25.85 -26.08
N ASP A 648 -8.80 -25.91 -24.77
CA ASP A 648 -9.18 -27.20 -24.18
C ASP A 648 -10.67 -27.47 -24.00
N VAL A 649 -11.54 -26.46 -23.93
CA VAL A 649 -12.98 -26.72 -23.79
C VAL A 649 -13.65 -26.28 -25.09
N ALA A 650 -14.35 -27.22 -25.75
CA ALA A 650 -14.94 -26.95 -27.04
C ALA A 650 -16.06 -25.91 -26.93
N GLY A 651 -16.24 -25.13 -28.00
CA GLY A 651 -17.29 -24.13 -28.04
C GLY A 651 -16.95 -23.02 -29.02
N THR A 652 -17.65 -21.89 -28.86
CA THR A 652 -17.41 -20.69 -29.64
C THR A 652 -16.82 -19.60 -28.72
N TYR A 653 -15.80 -18.90 -29.23
CA TYR A 653 -15.06 -17.91 -28.46
C TYR A 653 -15.12 -16.55 -29.16
N LYS A 654 -15.12 -15.47 -28.36
CA LYS A 654 -15.16 -14.12 -28.88
C LYS A 654 -14.08 -13.28 -28.20
N ILE A 655 -13.48 -12.37 -28.97
CA ILE A 655 -12.46 -11.46 -28.42
C ILE A 655 -13.10 -10.54 -27.40
N VAL A 656 -12.45 -10.38 -26.24
CA VAL A 656 -12.91 -9.44 -25.24
C VAL A 656 -11.91 -8.30 -24.97
N LEU A 657 -10.73 -8.29 -25.62
CA LEU A 657 -9.74 -7.22 -25.48
C LEU A 657 -8.72 -7.29 -26.63
N ASN A 658 -8.31 -6.14 -27.18
CA ASN A 658 -7.47 -6.05 -28.40
C ASN A 658 -6.60 -4.80 -28.41
N THR A 659 -5.26 -4.95 -28.54
CA THR A 659 -4.34 -3.82 -28.40
C THR A 659 -4.17 -2.95 -29.66
N ASP A 660 -4.63 -3.39 -30.83
CA ASP A 660 -4.43 -2.65 -32.08
C ASP A 660 -5.60 -1.72 -32.41
N ARG A 661 -6.52 -1.47 -31.48
CA ARG A 661 -7.59 -0.49 -31.69
C ARG A 661 -7.03 0.92 -31.90
N ALA A 662 -7.62 1.63 -32.88
CA ALA A 662 -7.23 3.01 -33.12
C ALA A 662 -7.30 3.84 -31.85
N GLU A 663 -8.32 3.59 -31.01
CA GLU A 663 -8.48 4.31 -29.75
C GLU A 663 -7.32 4.06 -28.78
N PHE A 664 -6.53 3.00 -29.03
CA PHE A 664 -5.33 2.70 -28.26
C PHE A 664 -4.04 3.06 -29.01
N GLY A 665 -4.12 3.80 -30.14
CA GLY A 665 -2.94 4.17 -30.89
C GLY A 665 -2.53 3.22 -32.02
N GLY A 666 -3.31 2.16 -32.29
CA GLY A 666 -2.95 1.15 -33.28
C GLY A 666 -3.38 1.55 -34.68
N HIS A 667 -3.34 0.57 -35.59
CA HIS A 667 -3.71 0.83 -36.98
C HIS A 667 -4.99 0.11 -37.41
N ASN A 668 -5.73 -0.48 -36.46
CA ASN A 668 -7.07 -1.02 -36.73
C ASN A 668 -7.07 -2.13 -37.78
N ARG A 669 -6.05 -2.99 -37.72
CA ARG A 669 -5.95 -4.08 -38.67
C ARG A 669 -6.77 -5.33 -38.30
N ILE A 670 -7.35 -5.41 -37.10
CA ILE A 670 -7.92 -6.65 -36.53
C ILE A 670 -9.44 -6.53 -36.37
N ASP A 671 -10.18 -7.52 -36.89
CA ASP A 671 -11.65 -7.53 -36.85
C ASP A 671 -12.16 -8.29 -35.62
N GLU A 672 -12.82 -7.57 -34.69
CA GLU A 672 -13.27 -8.13 -33.42
C GLU A 672 -14.65 -8.80 -33.46
N ALA A 673 -15.41 -8.67 -34.54
CA ALA A 673 -16.71 -9.33 -34.64
C ALA A 673 -16.61 -10.78 -35.07
N GLN A 674 -15.41 -11.29 -35.31
CA GLN A 674 -15.28 -12.66 -35.78
C GLN A 674 -15.61 -13.66 -34.66
N GLU A 675 -16.36 -14.71 -35.02
CA GLU A 675 -16.58 -15.87 -34.18
C GLU A 675 -15.49 -16.90 -34.47
N PHE A 676 -14.84 -17.41 -33.41
CA PHE A 676 -13.74 -18.36 -33.54
C PHE A 676 -14.24 -19.73 -33.09
N PHE A 677 -14.63 -20.57 -34.05
CA PHE A 677 -15.12 -21.91 -33.74
C PHE A 677 -13.94 -22.86 -33.52
N THR A 678 -14.07 -23.75 -32.54
CA THR A 678 -12.98 -24.68 -32.25
C THR A 678 -13.01 -25.85 -33.24
N THR A 679 -11.82 -26.29 -33.64
CA THR A 679 -11.64 -27.49 -34.44
C THR A 679 -11.23 -28.63 -33.51
N ASP A 680 -11.89 -29.79 -33.64
CA ASP A 680 -11.66 -30.95 -32.78
C ASP A 680 -10.39 -31.72 -33.17
N LEU A 681 -9.24 -31.06 -33.04
CA LEU A 681 -7.95 -31.69 -33.31
C LEU A 681 -6.95 -31.16 -32.28
N GLU A 682 -6.08 -32.03 -31.78
CA GLU A 682 -5.14 -31.60 -30.75
C GLU A 682 -4.14 -30.59 -31.31
N TRP A 683 -3.69 -29.68 -30.46
CA TRP A 683 -2.67 -28.73 -30.87
C TRP A 683 -2.03 -28.13 -29.62
N ASN A 684 -0.70 -28.05 -29.62
CA ASN A 684 0.07 -27.50 -28.50
C ASN A 684 -0.46 -28.06 -27.17
N ASN A 685 -0.76 -29.36 -27.18
CA ASN A 685 -1.15 -30.19 -26.03
C ASN A 685 -2.53 -29.88 -25.47
N ARG A 686 -3.42 -29.28 -26.26
CA ARG A 686 -4.80 -29.03 -25.89
C ARG A 686 -5.72 -29.80 -26.83
N ARG A 687 -6.99 -29.95 -26.42
CA ARG A 687 -7.91 -30.82 -27.14
C ARG A 687 -8.51 -30.22 -28.41
N ASN A 688 -8.39 -28.90 -28.64
CA ASN A 688 -8.98 -28.23 -29.82
C ASN A 688 -8.04 -27.10 -30.27
N PHE A 689 -8.38 -26.41 -31.36
CA PHE A 689 -7.61 -25.22 -31.75
C PHE A 689 -8.46 -24.21 -32.51
N ILE A 690 -7.98 -22.94 -32.53
CA ILE A 690 -8.53 -21.87 -33.36
C ILE A 690 -7.40 -21.28 -34.24
N GLN A 691 -7.78 -20.41 -35.21
CA GLN A 691 -6.85 -19.77 -36.16
C GLN A 691 -7.06 -18.25 -36.14
N VAL A 692 -5.95 -17.48 -36.06
CA VAL A 692 -5.99 -16.03 -35.87
C VAL A 692 -5.10 -15.27 -36.89
N TYR A 693 -5.41 -13.99 -37.08
CA TYR A 693 -4.53 -13.02 -37.77
C TYR A 693 -3.97 -12.06 -36.74
N ILE A 694 -2.64 -11.90 -36.72
CA ILE A 694 -1.97 -11.06 -35.72
C ILE A 694 -0.82 -10.25 -36.34
N PRO A 695 -0.99 -8.95 -36.57
CA PRO A 695 0.10 -8.13 -37.13
C PRO A 695 1.34 -8.05 -36.25
N SER A 696 2.46 -7.71 -36.89
CA SER A 696 3.72 -7.46 -36.18
C SER A 696 3.52 -6.46 -35.03
N ARG A 697 3.79 -6.90 -33.79
CA ARG A 697 3.62 -6.17 -32.53
C ARG A 697 2.16 -5.88 -32.08
N THR A 698 1.31 -6.91 -31.81
CA THR A 698 -0.06 -6.78 -31.25
C THR A 698 -0.42 -7.97 -30.34
N ALA A 699 -1.53 -7.84 -29.54
CA ALA A 699 -2.02 -8.90 -28.60
C ALA A 699 -3.55 -8.89 -28.36
N ILE A 700 -4.16 -10.08 -28.04
CA ILE A 700 -5.62 -10.23 -27.83
C ILE A 700 -6.01 -11.26 -26.74
N VAL A 701 -7.25 -11.10 -26.18
CA VAL A 701 -7.89 -11.99 -25.18
C VAL A 701 -9.30 -12.41 -25.63
N LEU A 702 -9.69 -13.69 -25.33
CA LEU A 702 -10.98 -14.30 -25.76
C LEU A 702 -11.66 -15.12 -24.64
N THR A 703 -13.02 -15.19 -24.65
CA THR A 703 -13.80 -16.03 -23.70
C THR A 703 -14.89 -16.86 -24.40
N ARG A 704 -15.42 -17.86 -23.66
CA ARG A 704 -16.37 -18.85 -24.18
C ARG A 704 -17.83 -18.45 -24.02
N GLN A 705 -18.59 -18.53 -25.11
CA GLN A 705 -19.99 -18.10 -25.14
C GLN A 705 -20.91 -19.19 -24.58
N MET A 706 -21.59 -18.88 -23.49
CA MET A 706 -22.52 -19.81 -22.84
C MET A 706 -23.92 -19.68 -23.43
#